data_3ONF
#
_entry.id   3ONF
#
_cell.length_a   122.623
_cell.length_b   122.623
_cell.length_c   126.622
_cell.angle_alpha   90.00
_cell.angle_beta   90.00
_cell.angle_gamma   90.00
#
_symmetry.space_group_name_H-M   'P 43 21 2'
#
loop_
_entity.id
_entity.type
_entity.pdbx_description
1 polymer Adenosylhomocysteinase
2 non-polymer NICOTINAMIDE-ADENINE-DINUCLEOTIDE
3 non-polymer "3'-DEOXYADENOSINE"
4 non-polymer 'SODIUM ION'
5 non-polymer 2-AMINO-2-HYDROXYMETHYL-PROPANE-1,3-DIOL
6 water water
#
_entity_poly.entity_id   1
_entity_poly.type   'polypeptide(L)'
_entity_poly.pdbx_seq_one_letter_code
;GSHMALLVEKTTSGREYKVKDMSQADFGRLEIELAEVEMPGLMASRSEFGPSQPFKGAKITGSLHMTIQTAVLIETLTAL
GAEVRWCSCNIFSTQDHAAAAIARDSAAVFAWKGETLQEYWWCTERALDWGPGGGPDLIVDDGGDTTLLIHEGVKAEEIY
EKSGQFPDPDSTDNAEFKIVLSIIKEGLKTDPKRYHKMKDRVVGVSEETTTGVKRLYQMQANGTLLFPAINVNDSVTKSK
FDNLYGCRHSLPDGLMRATDVMIAGKVAVVAGYGDVGKGCAAALKQAGARVIVTEIDPICALQATMEGLQVLTLEDVVSE
ADIFVTTTGNKDIIMLDHMKKMKNNAIVCNIGHFDNEIDMLGLETHPGVKRITIKPQTDRWVFPETNTGIIILAEGRLMN
LGCATGHPSFVMSCSFTNQVIAQLELWNEKSSGKYEKKVYVLPKHLDEKVAALHLEKLGAKLTKLSKDQADYISVPVEGP
YKPFHYRY
;
_entity_poly.pdbx_strand_id   A,B
#
# COMPACT_ATOMS: atom_id res chain seq x y z
N MET A 4 2.26 10.22 -44.76
CA MET A 4 0.87 10.71 -44.43
C MET A 4 0.73 12.20 -44.73
N ALA A 5 -0.36 12.50 -45.44
CA ALA A 5 -0.82 13.87 -45.68
C ALA A 5 -1.59 14.36 -44.45
N LEU A 6 -1.08 15.41 -43.81
CA LEU A 6 -1.70 15.91 -42.55
C LEU A 6 -2.98 16.71 -42.89
N LEU A 7 -3.88 15.98 -43.53
CA LEU A 7 -5.19 16.51 -43.94
C LEU A 7 -6.26 15.59 -43.43
N VAL A 8 -7.16 16.13 -42.62
CA VAL A 8 -8.19 15.30 -41.99
C VAL A 8 -9.03 14.76 -43.11
N GLU A 9 -9.47 13.53 -42.91
CA GLU A 9 -10.46 12.90 -43.76
C GLU A 9 -11.77 12.90 -42.97
N LYS A 10 -12.84 12.48 -43.63
CA LYS A 10 -14.18 12.52 -43.03
C LYS A 10 -14.99 11.30 -43.38
N THR A 11 -15.76 10.82 -42.42
CA THR A 11 -16.69 9.71 -42.68
C THR A 11 -17.78 10.26 -43.57
N THR A 12 -18.66 9.37 -44.02
CA THR A 12 -19.77 9.75 -44.91
C THR A 12 -20.64 10.78 -44.18
N SER A 13 -20.69 10.65 -42.87
CA SER A 13 -21.57 11.47 -42.05
C SER A 13 -20.97 12.83 -41.78
N GLY A 14 -19.69 13.03 -42.14
CA GLY A 14 -19.02 14.31 -41.90
C GLY A 14 -18.10 14.36 -40.69
N ARG A 15 -17.80 13.21 -40.11
CA ARG A 15 -16.94 13.17 -38.93
C ARG A 15 -15.46 13.03 -39.36
N GLU A 16 -14.61 13.90 -38.82
CA GLU A 16 -13.19 13.92 -39.16
C GLU A 16 -12.40 12.77 -38.55
N TYR A 17 -11.34 12.40 -39.24
CA TYR A 17 -10.40 11.44 -38.73
C TYR A 17 -9.11 11.41 -39.51
N LYS A 18 -8.08 10.90 -38.86
CA LYS A 18 -6.86 10.51 -39.59
C LYS A 18 -6.27 9.30 -38.95
N VAL A 19 -6.25 8.21 -39.68
CA VAL A 19 -5.68 6.95 -39.21
C VAL A 19 -4.83 6.31 -40.30
N LYS A 20 -4.19 5.21 -39.94
CA LYS A 20 -3.26 4.56 -40.87
C LYS A 20 -4.01 3.92 -42.03
N ASP A 21 -5.05 3.19 -41.71
CA ASP A 21 -5.72 2.32 -42.69
CA ASP A 21 -5.73 2.37 -42.70
C ASP A 21 -7.11 1.91 -42.23
N MET A 22 -8.10 2.57 -42.78
CA MET A 22 -9.52 2.30 -42.49
C MET A 22 -9.94 0.89 -42.78
N SER A 23 -9.24 0.21 -43.69
CA SER A 23 -9.67 -1.16 -44.03
C SER A 23 -9.49 -2.12 -42.83
N GLN A 24 -8.83 -1.64 -41.80
CA GLN A 24 -8.54 -2.49 -40.63
C GLN A 24 -9.70 -2.43 -39.64
N ALA A 25 -10.73 -1.67 -40.00
CA ALA A 25 -11.87 -1.50 -39.09
C ALA A 25 -12.57 -2.82 -38.72
N ASP A 26 -12.79 -3.70 -39.69
CA ASP A 26 -13.50 -4.97 -39.41
C ASP A 26 -12.75 -5.72 -38.32
N PHE A 27 -11.42 -5.72 -38.46
CA PHE A 27 -10.52 -6.49 -37.57
C PHE A 27 -10.53 -5.80 -36.20
N GLY A 28 -10.55 -4.49 -36.21
CA GLY A 28 -10.69 -3.74 -34.99
C GLY A 28 -11.91 -4.14 -34.18
N ARG A 29 -13.02 -4.24 -34.91
CA ARG A 29 -14.34 -4.50 -34.31
C ARG A 29 -14.38 -5.89 -33.73
N LEU A 30 -13.76 -6.84 -34.43
CA LEU A 30 -13.74 -8.24 -33.91
C LEU A 30 -13.03 -8.28 -32.54
N GLU A 31 -11.92 -7.57 -32.44
CA GLU A 31 -11.18 -7.54 -31.18
C GLU A 31 -11.87 -6.70 -30.13
N ILE A 32 -12.55 -5.64 -30.53
CA ILE A 32 -13.30 -4.84 -29.57
C ILE A 32 -14.38 -5.74 -28.98
N GLU A 33 -15.02 -6.54 -29.81
CA GLU A 33 -16.11 -7.40 -29.32
C GLU A 33 -15.60 -8.36 -28.24
N LEU A 34 -14.37 -8.83 -28.38
CA LEU A 34 -13.76 -9.72 -27.39
C LEU A 34 -13.41 -8.95 -26.12
N ALA A 35 -12.87 -7.75 -26.32
CA ALA A 35 -12.46 -6.89 -25.22
C ALA A 35 -13.64 -6.56 -24.33
N GLU A 36 -14.81 -6.35 -24.92
CA GLU A 36 -15.99 -5.98 -24.11
C GLU A 36 -16.26 -6.99 -22.98
N VAL A 37 -16.06 -8.26 -23.29
CA VAL A 37 -16.40 -9.35 -22.38
C VAL A 37 -15.41 -9.31 -21.22
N GLU A 38 -14.22 -8.82 -21.53
CA GLU A 38 -13.14 -8.73 -20.58
C GLU A 38 -13.18 -7.44 -19.75
N MET A 39 -14.14 -6.59 -20.07
CA MET A 39 -14.21 -5.26 -19.42
C MET A 39 -15.57 -4.99 -18.75
N PRO A 40 -15.92 -5.79 -17.75
CA PRO A 40 -17.26 -5.75 -17.20
C PRO A 40 -17.58 -4.42 -16.53
N GLY A 41 -16.55 -3.72 -16.06
CA GLY A 41 -16.75 -2.42 -15.40
C GLY A 41 -17.29 -1.40 -16.39
N LEU A 42 -16.77 -1.46 -17.59
CA LEU A 42 -17.19 -0.51 -18.60
C LEU A 42 -18.55 -0.88 -19.15
N MET A 43 -18.80 -2.19 -19.32
CA MET A 43 -20.10 -2.63 -19.84
C MET A 43 -21.18 -2.41 -18.80
N ALA A 44 -20.82 -2.57 -17.54
CA ALA A 44 -21.81 -2.31 -16.47
C ALA A 44 -22.17 -0.83 -16.45
N SER A 45 -21.19 0.02 -16.79
CA SER A 45 -21.42 1.46 -16.79
C SER A 45 -22.41 1.83 -17.89
N ARG A 46 -22.32 1.13 -19.00
CA ARG A 46 -23.24 1.36 -20.13
C ARG A 46 -24.63 0.95 -19.73
N SER A 47 -24.77 -0.19 -19.05
CA SER A 47 -26.11 -0.64 -18.66
CA SER A 47 -26.11 -0.64 -18.66
C SER A 47 -26.71 0.28 -17.61
N GLU A 48 -25.91 0.71 -16.64
CA GLU A 48 -26.46 1.56 -15.59
C GLU A 48 -26.86 2.95 -16.12
N PHE A 49 -25.99 3.54 -16.93
CA PHE A 49 -26.14 4.96 -17.31
C PHE A 49 -26.71 5.19 -18.73
N GLY A 50 -26.78 4.11 -19.49
CA GLY A 50 -27.26 4.17 -20.87
C GLY A 50 -28.56 4.93 -21.01
N PRO A 51 -29.61 4.45 -20.32
CA PRO A 51 -30.95 5.00 -20.35
C PRO A 51 -31.03 6.48 -20.07
N SER A 52 -30.13 6.98 -19.22
CA SER A 52 -30.22 8.38 -18.78
C SER A 52 -29.36 9.30 -19.61
N GLN A 53 -28.47 8.74 -20.43
CA GLN A 53 -27.68 9.54 -21.40
C GLN A 53 -26.99 10.76 -20.77
N PRO A 54 -26.21 10.53 -19.70
CA PRO A 54 -25.69 11.65 -18.91
C PRO A 54 -24.73 12.54 -19.69
N PHE A 55 -24.15 12.00 -20.75
CA PHE A 55 -23.17 12.77 -21.55
C PHE A 55 -23.84 13.43 -22.76
N LYS A 56 -25.15 13.32 -22.80
CA LYS A 56 -25.90 13.94 -23.91
C LYS A 56 -25.48 15.40 -23.97
N GLY A 57 -25.03 15.80 -25.14
CA GLY A 57 -24.61 17.17 -25.36
C GLY A 57 -23.20 17.50 -24.95
N ALA A 58 -22.47 16.54 -24.39
CA ALA A 58 -21.07 16.77 -24.00
C ALA A 58 -20.12 16.56 -25.16
N LYS A 59 -19.06 17.35 -25.16
CA LYS A 59 -17.96 17.19 -26.13
C LYS A 59 -16.71 16.82 -25.35
N ILE A 60 -16.21 15.63 -25.61
CA ILE A 60 -15.07 15.11 -24.87
C ILE A 60 -13.87 14.86 -25.79
N THR A 61 -12.74 15.43 -25.39
CA THR A 61 -11.46 15.15 -26.01
C THR A 61 -10.64 14.25 -25.13
N GLY A 62 -10.12 13.19 -25.73
CA GLY A 62 -9.24 12.28 -25.05
C GLY A 62 -7.91 12.10 -25.74
N SER A 63 -6.91 11.95 -24.90
CA SER A 63 -5.55 11.72 -25.31
C SER A 63 -5.00 10.61 -24.46
N LEU A 64 -5.06 9.43 -25.03
CA LEU A 64 -4.88 8.17 -24.31
C LEU A 64 -4.66 7.16 -25.38
N HIS A 65 -3.59 6.39 -25.21
CA HIS A 65 -3.16 5.39 -26.19
C HIS A 65 -4.37 4.77 -26.86
N MET A 66 -4.36 4.83 -28.19
CA MET A 66 -5.49 4.39 -29.02
C MET A 66 -5.39 2.89 -29.30
N THR A 67 -5.68 2.16 -28.24
CA THR A 67 -5.68 0.69 -28.21
C THR A 67 -7.12 0.15 -28.23
N ILE A 68 -7.24 -1.17 -28.34
CA ILE A 68 -8.55 -1.84 -28.30
C ILE A 68 -9.21 -1.51 -26.97
N GLN A 69 -8.42 -1.37 -25.91
CA GLN A 69 -9.01 -1.09 -24.60
C GLN A 69 -9.62 0.32 -24.54
N THR A 70 -8.86 1.27 -25.07
CA THR A 70 -9.35 2.66 -25.17
C THR A 70 -10.60 2.72 -26.03
N ALA A 71 -10.67 1.84 -27.02
CA ALA A 71 -11.81 1.83 -27.90
C ALA A 71 -13.06 1.54 -27.07
N VAL A 72 -12.95 0.62 -26.12
CA VAL A 72 -14.11 0.20 -25.29
C VAL A 72 -14.49 1.37 -24.39
N LEU A 73 -13.48 2.13 -24.00
CA LEU A 73 -13.75 3.31 -23.18
C LEU A 73 -14.47 4.36 -24.01
N ILE A 74 -13.94 4.61 -25.19
CA ILE A 74 -14.53 5.61 -26.06
C ILE A 74 -16.00 5.27 -26.30
N GLU A 75 -16.22 3.98 -26.51
CA GLU A 75 -17.54 3.53 -26.92
C GLU A 75 -18.47 3.46 -25.72
N THR A 76 -17.86 3.53 -24.54
CA THR A 76 -18.67 3.70 -23.31
C THR A 76 -19.14 5.16 -23.20
N LEU A 77 -18.24 6.11 -23.47
CA LEU A 77 -18.62 7.51 -23.44
C LEU A 77 -19.72 7.81 -24.47
N THR A 78 -19.57 7.27 -25.67
CA THR A 78 -20.54 7.54 -26.71
C THR A 78 -21.88 6.82 -26.41
N ALA A 79 -21.83 5.69 -25.73
CA ALA A 79 -23.06 4.97 -25.38
C ALA A 79 -23.81 5.81 -24.37
N LEU A 80 -23.07 6.59 -23.59
CA LEU A 80 -23.69 7.41 -22.57
C LEU A 80 -24.06 8.78 -23.16
N GLY A 81 -23.79 8.93 -24.44
CA GLY A 81 -24.32 10.04 -25.24
C GLY A 81 -23.31 11.09 -25.67
N ALA A 82 -22.06 10.90 -25.28
CA ALA A 82 -21.00 11.88 -25.57
C ALA A 82 -20.64 11.93 -27.05
N GLU A 83 -20.24 13.11 -27.50
CA GLU A 83 -19.54 13.22 -28.78
C GLU A 83 -18.05 13.27 -28.41
N VAL A 84 -17.24 12.61 -29.22
CA VAL A 84 -15.86 12.33 -28.83
C VAL A 84 -14.85 12.62 -29.93
N ARG A 85 -13.76 13.28 -29.54
CA ARG A 85 -12.53 13.36 -30.37
C ARG A 85 -11.34 12.83 -29.59
N TRP A 86 -10.45 12.17 -30.29
CA TRP A 86 -9.37 11.41 -29.64
C TRP A 86 -8.07 11.45 -30.41
N CYS A 87 -6.99 11.38 -29.65
CA CYS A 87 -5.64 11.16 -30.17
C CYS A 87 -4.89 10.25 -29.18
N SER A 88 -3.79 9.67 -29.62
CA SER A 88 -3.01 8.85 -28.75
C SER A 88 -2.05 9.75 -27.94
N CYS A 89 -1.58 9.29 -26.78
CA CYS A 89 -0.58 10.07 -26.01
C CYS A 89 0.82 9.52 -26.16
N ASN A 90 0.99 8.66 -27.13
CA ASN A 90 2.34 8.14 -27.48
C ASN A 90 2.44 7.81 -28.96
N ILE A 91 3.58 8.09 -29.54
CA ILE A 91 3.79 7.95 -31.01
C ILE A 91 3.73 6.50 -31.49
N PHE A 92 3.90 5.55 -30.58
CA PHE A 92 3.96 4.13 -30.96
C PHE A 92 2.90 3.25 -30.36
N SER A 93 2.00 3.84 -29.60
CA SER A 93 1.11 3.03 -28.73
C SER A 93 -0.22 2.69 -29.43
N THR A 94 -0.55 3.42 -30.49
CA THR A 94 -1.78 3.14 -31.24
C THR A 94 -1.80 1.74 -31.85
N GLN A 95 -2.95 1.13 -31.73
CA GLN A 95 -3.25 -0.08 -32.43
C GLN A 95 -4.15 0.35 -33.60
N ASP A 96 -3.65 0.14 -34.81
CA ASP A 96 -4.25 0.79 -35.98
C ASP A 96 -5.64 0.26 -36.25
N HIS A 97 -5.89 -1.00 -35.91
CA HIS A 97 -7.24 -1.59 -36.12
C HIS A 97 -8.26 -1.00 -35.15
N ALA A 98 -7.83 -0.76 -33.92
CA ALA A 98 -8.65 -0.05 -32.93
C ALA A 98 -9.02 1.35 -33.41
N ALA A 99 -7.99 2.10 -33.81
CA ALA A 99 -8.18 3.46 -34.40
C ALA A 99 -9.21 3.45 -35.53
N ALA A 100 -9.05 2.50 -36.43
CA ALA A 100 -9.87 2.42 -37.62
C ALA A 100 -11.37 2.17 -37.29
N ALA A 101 -11.60 1.20 -36.42
CA ALA A 101 -12.96 0.83 -35.99
C ALA A 101 -13.62 2.00 -35.30
N ILE A 102 -12.86 2.75 -34.52
CA ILE A 102 -13.47 3.89 -33.79
C ILE A 102 -13.79 5.02 -34.78
N ALA A 103 -12.83 5.31 -35.64
CA ALA A 103 -13.00 6.33 -36.68
C ALA A 103 -14.21 6.04 -37.59
N ARG A 104 -14.43 4.77 -37.85
CA ARG A 104 -15.50 4.37 -38.71
C ARG A 104 -16.83 4.45 -37.98
N ASP A 105 -16.86 3.94 -36.76
CA ASP A 105 -18.14 3.67 -36.10
C ASP A 105 -18.51 4.68 -35.01
N SER A 106 -17.56 5.39 -34.40
CA SER A 106 -17.93 6.02 -33.12
C SER A 106 -17.43 7.43 -32.80
N ALA A 107 -16.25 7.76 -33.29
CA ALA A 107 -15.60 9.01 -32.86
C ALA A 107 -14.49 9.48 -33.79
N ALA A 108 -14.23 10.78 -33.75
CA ALA A 108 -13.12 11.38 -34.51
C ALA A 108 -11.83 10.90 -33.81
N VAL A 109 -10.92 10.35 -34.60
CA VAL A 109 -9.68 9.80 -34.08
C VAL A 109 -8.57 10.24 -35.00
N PHE A 110 -7.50 10.73 -34.39
CA PHE A 110 -6.28 11.14 -35.08
C PHE A 110 -5.13 10.39 -34.42
N ALA A 111 -4.80 9.26 -35.01
CA ALA A 111 -3.82 8.37 -34.40
C ALA A 111 -3.39 7.24 -35.28
N TRP A 112 -2.10 6.96 -35.20
CA TRP A 112 -1.55 5.78 -35.84
C TRP A 112 -0.24 5.38 -35.17
N LYS A 113 0.08 4.11 -35.34
CA LYS A 113 1.34 3.57 -34.82
C LYS A 113 2.47 4.07 -35.69
N GLY A 114 3.44 4.69 -35.03
CA GLY A 114 4.63 5.18 -35.73
C GLY A 114 4.53 6.63 -36.20
N GLU A 115 3.87 7.46 -35.41
CA GLU A 115 3.85 8.87 -35.67
C GLU A 115 5.26 9.47 -35.55
N THR A 116 5.50 10.57 -36.27
CA THR A 116 6.66 11.45 -35.99
C THR A 116 6.19 12.37 -34.89
N LEU A 117 7.11 13.05 -34.23
CA LEU A 117 6.75 14.03 -33.17
C LEU A 117 5.86 15.15 -33.71
N GLN A 118 6.09 15.54 -34.96
CA GLN A 118 5.28 16.64 -35.57
C GLN A 118 3.86 16.12 -35.75
N GLU A 119 3.75 14.88 -36.17
CA GLU A 119 2.46 14.26 -36.39
C GLU A 119 1.74 14.13 -35.07
N TYR A 120 2.51 13.78 -34.04
CA TYR A 120 1.92 13.53 -32.72
C TYR A 120 1.17 14.79 -32.26
N TRP A 121 1.82 15.92 -32.42
CA TRP A 121 1.33 17.21 -31.91
C TRP A 121 0.22 17.74 -32.79
N TRP A 122 0.33 17.44 -34.07
CA TRP A 122 -0.73 17.78 -34.99
C TRP A 122 -2.00 17.03 -34.58
N CYS A 123 -1.84 15.75 -34.29
CA CYS A 123 -3.01 14.92 -33.88
C CYS A 123 -3.66 15.45 -32.59
N THR A 124 -2.81 15.93 -31.70
CA THR A 124 -3.23 16.48 -30.41
C THR A 124 -4.10 17.71 -30.67
N GLU A 125 -3.64 18.54 -31.61
CA GLU A 125 -4.37 19.77 -31.92
C GLU A 125 -5.71 19.41 -32.53
N ARG A 126 -5.70 18.45 -33.45
CA ARG A 126 -6.94 18.07 -34.13
C ARG A 126 -7.93 17.57 -33.10
N ALA A 127 -7.41 16.84 -32.13
CA ALA A 127 -8.27 16.18 -31.14
C ALA A 127 -8.95 17.26 -30.27
N LEU A 128 -8.27 18.39 -30.14
CA LEU A 128 -8.79 19.52 -29.36
C LEU A 128 -9.65 20.50 -30.18
N ASP A 129 -9.67 20.30 -31.50
CA ASP A 129 -10.25 21.28 -32.44
C ASP A 129 -11.69 20.95 -32.75
N TRP A 130 -12.59 21.56 -32.02
CA TRP A 130 -14.02 21.27 -32.13
C TRP A 130 -14.67 22.22 -33.09
N GLY A 131 -13.81 23.05 -33.69
CA GLY A 131 -14.20 23.99 -34.70
C GLY A 131 -14.79 25.24 -34.09
N PRO A 132 -15.38 26.10 -34.94
CA PRO A 132 -15.89 27.41 -34.57
C PRO A 132 -16.85 27.34 -33.39
N GLY A 133 -17.52 26.20 -33.28
CA GLY A 133 -18.48 25.92 -32.21
C GLY A 133 -17.87 25.97 -30.80
N GLY A 134 -16.65 25.48 -30.67
CA GLY A 134 -16.00 25.42 -29.35
C GLY A 134 -16.09 24.06 -28.68
N GLY A 135 -15.22 23.90 -27.70
CA GLY A 135 -15.02 22.61 -27.04
C GLY A 135 -13.54 22.39 -26.82
N PRO A 136 -13.17 21.36 -26.07
CA PRO A 136 -14.05 20.37 -25.43
C PRO A 136 -14.70 20.88 -24.14
N ASP A 137 -15.72 20.16 -23.69
CA ASP A 137 -16.28 20.41 -22.37
C ASP A 137 -15.45 19.65 -21.36
N LEU A 138 -14.98 18.48 -21.79
CA LEU A 138 -14.27 17.54 -20.91
C LEU A 138 -13.01 17.00 -21.57
N ILE A 139 -12.01 16.78 -20.75
CA ILE A 139 -10.78 16.16 -21.20
C ILE A 139 -10.40 14.91 -20.38
N VAL A 140 -10.12 13.85 -21.13
CA VAL A 140 -9.48 12.64 -20.61
C VAL A 140 -8.01 12.67 -21.03
N ASP A 141 -7.10 12.68 -20.07
CA ASP A 141 -5.67 12.87 -20.37
C ASP A 141 -4.83 11.77 -19.78
N ASP A 142 -3.82 11.34 -20.54
CA ASP A 142 -2.84 10.40 -20.04
C ASP A 142 -1.45 10.93 -20.28
N GLY A 143 -0.83 11.47 -19.23
CA GLY A 143 0.54 11.97 -19.26
C GLY A 143 0.60 13.52 -19.37
N GLY A 144 -0.53 14.15 -19.63
CA GLY A 144 -0.69 15.60 -19.47
C GLY A 144 -0.36 16.49 -20.66
N ASP A 145 -0.03 15.88 -21.78
CA ASP A 145 0.39 16.66 -22.97
C ASP A 145 -0.70 17.61 -23.43
N THR A 146 -1.93 17.12 -23.48
CA THR A 146 -3.05 17.93 -23.92
C THR A 146 -3.28 19.09 -22.96
N THR A 147 -3.24 18.75 -21.69
CA THR A 147 -3.37 19.69 -20.60
C THR A 147 -2.23 20.69 -20.70
N LEU A 148 -1.02 20.19 -20.93
CA LEU A 148 0.14 21.08 -21.11
C LEU A 148 -0.04 22.09 -22.22
N LEU A 149 -0.56 21.61 -23.33
CA LEU A 149 -0.73 22.44 -24.52
C LEU A 149 -1.67 23.64 -24.24
N ILE A 150 -2.72 23.40 -23.46
CA ILE A 150 -3.72 24.41 -23.21
C ILE A 150 -3.10 25.43 -22.25
N HIS A 151 -2.43 24.94 -21.23
CA HIS A 151 -1.81 25.86 -20.28
C HIS A 151 -0.72 26.72 -20.91
N GLU A 152 0.12 26.12 -21.74
CA GLU A 152 1.16 26.88 -22.44
C GLU A 152 0.51 27.88 -23.41
N GLY A 153 -0.54 27.45 -24.08
CA GLY A 153 -1.18 28.32 -25.07
C GLY A 153 -1.74 29.57 -24.41
N VAL A 154 -2.37 29.37 -23.27
CA VAL A 154 -3.03 30.48 -22.57
C VAL A 154 -1.95 31.46 -22.19
N LYS A 155 -0.87 30.94 -21.63
CA LYS A 155 0.27 31.77 -21.24
C LYS A 155 0.83 32.56 -22.46
N ALA A 156 0.89 31.90 -23.62
CA ALA A 156 1.43 32.56 -24.81
C ALA A 156 0.47 33.63 -25.26
N GLU A 157 -0.81 33.36 -25.09
CA GLU A 157 -1.87 34.28 -25.55
C GLU A 157 -1.88 35.56 -24.70
N GLU A 158 -1.59 35.40 -23.41
CA GLU A 158 -1.63 36.56 -22.54
CA GLU A 158 -1.54 36.54 -22.47
C GLU A 158 -0.48 37.50 -22.90
N ILE A 159 0.69 36.94 -23.18
CA ILE A 159 1.83 37.73 -23.62
C ILE A 159 1.58 38.39 -24.98
N TYR A 160 1.03 37.61 -25.90
CA TYR A 160 0.87 38.06 -27.29
C TYR A 160 -0.10 39.27 -27.37
N GLU A 161 -1.21 39.11 -26.67
CA GLU A 161 -2.26 40.12 -26.53
C GLU A 161 -1.68 41.48 -26.20
N LYS A 162 -0.58 41.48 -25.45
CA LYS A 162 -0.03 42.73 -24.89
C LYS A 162 1.11 43.32 -25.73
N SER A 163 2.09 42.47 -26.01
CA SER A 163 3.34 42.96 -26.56
C SER A 163 3.49 42.47 -27.97
N GLY A 164 2.56 41.64 -28.38
CA GLY A 164 2.61 41.05 -29.72
C GLY A 164 3.72 40.02 -29.87
N GLN A 165 4.35 39.68 -28.74
CA GLN A 165 5.44 38.69 -28.77
C GLN A 165 4.97 37.25 -28.98
N PHE A 166 5.69 36.56 -29.84
CA PHE A 166 5.52 35.11 -30.10
C PHE A 166 6.45 34.21 -29.28
N PRO A 167 6.01 32.99 -28.97
CA PRO A 167 6.90 31.94 -28.50
C PRO A 167 8.04 31.77 -29.48
N ASP A 168 9.26 31.65 -28.94
CA ASP A 168 10.48 31.44 -29.73
CA ASP A 168 10.45 31.40 -29.75
C ASP A 168 11.09 30.05 -29.42
N PRO A 169 11.02 29.11 -30.37
CA PRO A 169 11.59 27.77 -30.17
C PRO A 169 13.07 27.81 -29.72
N ASP A 170 13.76 28.89 -30.04
CA ASP A 170 15.14 29.02 -29.61
C ASP A 170 15.22 29.05 -28.08
N SER A 171 14.09 29.33 -27.45
CA SER A 171 14.07 29.50 -25.98
C SER A 171 14.18 28.15 -25.26
N THR A 172 14.14 27.07 -26.03
CA THR A 172 14.27 25.72 -25.47
C THR A 172 15.23 24.90 -26.29
N ASP A 173 15.92 24.00 -25.59
CA ASP A 173 16.89 23.11 -26.23
C ASP A 173 16.27 21.73 -26.36
N ASN A 174 15.05 21.62 -25.88
CA ASN A 174 14.31 20.38 -26.02
C ASN A 174 13.65 20.29 -27.39
N ALA A 175 14.12 19.36 -28.22
CA ALA A 175 13.65 19.23 -29.61
C ALA A 175 12.13 19.15 -29.71
N GLU A 176 11.51 18.50 -28.73
CA GLU A 176 10.09 18.23 -28.84
C GLU A 176 9.31 19.49 -28.46
N PHE A 177 9.82 20.15 -27.44
CA PHE A 177 9.15 21.34 -26.92
C PHE A 177 9.27 22.46 -27.96
N LYS A 178 10.32 22.44 -28.76
CA LYS A 178 10.43 23.41 -29.86
C LYS A 178 9.20 23.26 -30.72
N ILE A 179 8.79 22.01 -30.91
CA ILE A 179 7.66 21.73 -31.77
C ILE A 179 6.41 22.35 -31.17
N VAL A 180 6.31 22.28 -29.85
CA VAL A 180 5.10 22.68 -29.14
C VAL A 180 5.03 24.20 -29.21
N LEU A 181 6.19 24.82 -29.00
CA LEU A 181 6.30 26.28 -29.09
C LEU A 181 5.91 26.76 -30.50
N SER A 182 6.39 26.07 -31.50
CA SER A 182 6.07 26.44 -32.88
C SER A 182 4.60 26.26 -33.24
N ILE A 183 4.01 25.22 -32.71
CA ILE A 183 2.57 24.98 -32.84
C ILE A 183 1.69 26.10 -32.22
N ILE A 184 2.10 26.58 -31.06
CA ILE A 184 1.41 27.69 -30.37
C ILE A 184 1.60 28.98 -31.17
N LYS A 185 2.80 29.18 -31.69
CA LYS A 185 3.07 30.39 -32.45
C LYS A 185 2.16 30.46 -33.68
N GLU A 186 1.99 29.31 -34.32
CA GLU A 186 1.20 29.28 -35.57
C GLU A 186 -0.25 29.52 -35.22
N GLY A 187 -0.67 28.97 -34.09
CA GLY A 187 -2.03 29.12 -33.65
C GLY A 187 -2.34 30.58 -33.34
N LEU A 188 -1.33 31.31 -32.89
CA LEU A 188 -1.51 32.71 -32.50
C LEU A 188 -1.77 33.53 -33.73
N LYS A 189 -1.18 33.06 -34.82
CA LYS A 189 -1.23 33.75 -36.11
C LYS A 189 -2.55 33.50 -36.81
N THR A 190 -3.39 32.66 -36.20
CA THR A 190 -4.74 32.44 -36.75
C THR A 190 -5.83 32.84 -35.77
N ASP A 191 -5.72 32.37 -34.52
CA ASP A 191 -6.67 32.72 -33.46
C ASP A 191 -5.97 32.88 -32.10
N PRO A 192 -5.66 34.11 -31.73
CA PRO A 192 -4.94 34.50 -30.53
C PRO A 192 -5.70 34.24 -29.23
N LYS A 193 -6.91 33.72 -29.36
CA LYS A 193 -7.71 33.45 -28.18
C LYS A 193 -8.21 32.00 -28.12
N ARG A 194 -7.68 31.15 -29.00
CA ARG A 194 -8.10 29.75 -29.06
C ARG A 194 -8.14 29.11 -27.67
N TYR A 195 -7.01 29.22 -26.98
CA TYR A 195 -6.87 28.49 -25.73
C TYR A 195 -7.60 29.17 -24.59
N HIS A 196 -7.69 30.51 -24.63
CA HIS A 196 -8.55 31.22 -23.69
C HIS A 196 -10.00 30.73 -23.81
N LYS A 197 -10.51 30.69 -25.03
CA LYS A 197 -11.90 30.28 -25.22
C LYS A 197 -12.03 28.86 -24.72
N MET A 198 -11.02 28.07 -25.02
CA MET A 198 -11.08 26.64 -24.68
C MET A 198 -11.19 26.45 -23.16
N LYS A 199 -10.32 27.17 -22.47
CA LYS A 199 -10.18 27.00 -21.03
C LYS A 199 -11.40 27.51 -20.32
N ASP A 200 -12.16 28.38 -20.97
CA ASP A 200 -13.33 28.98 -20.33
C ASP A 200 -14.48 27.98 -20.39
N ARG A 201 -14.31 27.00 -21.25
CA ARG A 201 -15.38 26.04 -21.57
C ARG A 201 -15.17 24.66 -20.97
N VAL A 202 -13.92 24.34 -20.63
CA VAL A 202 -13.58 23.03 -20.04
C VAL A 202 -14.06 22.89 -18.59
N VAL A 203 -14.91 21.90 -18.38
CA VAL A 203 -15.49 21.64 -17.07
C VAL A 203 -14.46 20.98 -16.18
N GLY A 204 -13.60 20.17 -16.79
CA GLY A 204 -12.46 19.58 -16.11
C GLY A 204 -11.72 18.52 -16.90
N VAL A 205 -10.63 18.07 -16.31
CA VAL A 205 -9.77 17.00 -16.87
C VAL A 205 -9.62 15.87 -15.89
N SER A 206 -9.61 14.66 -16.41
CA SER A 206 -9.29 13.52 -15.59
C SER A 206 -8.01 12.85 -16.12
N GLU A 207 -7.03 12.84 -15.26
CA GLU A 207 -5.70 12.39 -15.59
C GLU A 207 -5.39 11.05 -14.96
N GLU A 208 -4.76 10.25 -15.79
CA GLU A 208 -4.65 8.80 -15.68
C GLU A 208 -3.34 8.36 -15.04
N THR A 209 -2.28 9.10 -15.25
CA THR A 209 -0.97 8.52 -14.98
C THR A 209 -0.18 9.30 -13.93
N THR A 210 0.74 8.60 -13.29
CA THR A 210 1.47 9.14 -12.13
C THR A 210 2.16 10.45 -12.45
N THR A 211 2.84 10.45 -13.59
CA THR A 211 3.60 11.62 -14.05
C THR A 211 2.68 12.81 -14.28
N GLY A 212 1.58 12.58 -14.98
CA GLY A 212 0.65 13.66 -15.31
C GLY A 212 0.01 14.25 -14.05
N VAL A 213 -0.27 13.37 -13.12
CA VAL A 213 -0.92 13.77 -11.87
C VAL A 213 0.07 14.64 -11.10
N LYS A 214 1.33 14.23 -11.13
CA LYS A 214 2.37 15.00 -10.48
C LYS A 214 2.37 16.43 -11.05
N ARG A 215 2.34 16.54 -12.38
CA ARG A 215 2.30 17.86 -13.08
C ARG A 215 1.12 18.70 -12.57
N LEU A 216 0.00 18.05 -12.32
CA LEU A 216 -1.24 18.75 -11.97
C LEU A 216 -1.12 19.38 -10.59
N TYR A 217 -0.55 18.63 -9.65
CA TYR A 217 -0.53 19.11 -8.24
C TYR A 217 0.39 20.32 -8.20
N GLN A 218 1.41 20.26 -9.04
CA GLN A 218 2.40 21.35 -9.15
C GLN A 218 1.76 22.61 -9.68
N MET A 219 0.86 22.40 -10.63
CA MET A 219 0.13 23.51 -11.23
C MET A 219 -0.81 24.10 -10.20
N GLN A 220 -1.37 23.23 -9.36
CA GLN A 220 -2.30 23.73 -8.34
C GLN A 220 -1.48 24.56 -7.37
N ALA A 221 -0.28 24.08 -7.11
CA ALA A 221 0.55 24.67 -6.04
C ALA A 221 0.93 26.08 -6.49
N ASN A 222 1.41 26.17 -7.70
CA ASN A 222 1.90 27.43 -8.22
C ASN A 222 0.79 28.23 -8.86
N GLY A 223 -0.44 27.83 -8.56
CA GLY A 223 -1.64 28.59 -8.91
C GLY A 223 -1.94 28.78 -10.40
N THR A 224 -1.38 27.92 -11.25
CA THR A 224 -1.58 28.08 -12.69
C THR A 224 -2.63 27.14 -13.29
N LEU A 225 -3.09 26.17 -12.52
CA LEU A 225 -4.14 25.21 -13.00
C LEU A 225 -5.42 25.95 -13.40
N LEU A 226 -5.88 25.70 -14.63
CA LEU A 226 -6.98 26.49 -15.23
C LEU A 226 -8.38 25.99 -14.99
N PHE A 227 -8.48 24.73 -14.60
CA PHE A 227 -9.78 24.08 -14.41
C PHE A 227 -9.64 22.88 -13.50
N PRO A 228 -10.75 22.39 -12.92
CA PRO A 228 -10.68 21.23 -12.01
C PRO A 228 -10.06 20.03 -12.68
N ALA A 229 -9.40 19.21 -11.88
CA ALA A 229 -8.79 17.96 -12.32
C ALA A 229 -9.12 16.84 -11.33
N ILE A 230 -9.46 15.68 -11.88
CA ILE A 230 -9.58 14.47 -11.07
C ILE A 230 -8.35 13.61 -11.34
N ASN A 231 -7.64 13.33 -10.24
CA ASN A 231 -6.54 12.39 -10.17
C ASN A 231 -7.12 10.97 -10.18
N VAL A 232 -7.11 10.36 -11.34
CA VAL A 232 -7.55 8.99 -11.49
C VAL A 232 -6.42 8.01 -11.09
N ASN A 233 -5.16 8.40 -11.24
CA ASN A 233 -4.08 7.43 -10.94
C ASN A 233 -4.23 6.90 -9.54
N ASP A 234 -4.55 7.79 -8.61
CA ASP A 234 -4.53 7.42 -7.20
C ASP A 234 -5.81 6.82 -6.63
N SER A 235 -6.76 6.50 -7.50
CA SER A 235 -7.76 5.50 -7.14
C SER A 235 -7.00 4.21 -6.85
N VAL A 236 -7.38 3.56 -5.77
CA VAL A 236 -6.70 2.31 -5.38
C VAL A 236 -6.85 1.33 -6.53
N THR A 237 -8.05 1.31 -7.11
CA THR A 237 -8.34 0.37 -8.20
C THR A 237 -7.70 0.77 -9.53
N LYS A 238 -6.88 1.84 -9.51
CA LYS A 238 -6.03 2.19 -10.63
C LYS A 238 -4.57 1.91 -10.25
N SER A 239 -4.05 2.72 -9.37
CA SER A 239 -2.64 2.59 -8.97
C SER A 239 -2.17 1.17 -8.61
N LYS A 240 -2.99 0.44 -7.88
CA LYS A 240 -2.58 -0.82 -7.24
CA LYS A 240 -2.52 -0.81 -7.28
C LYS A 240 -2.95 -2.00 -8.10
N PHE A 241 -3.48 -1.68 -9.27
CA PHE A 241 -3.86 -2.73 -10.22
C PHE A 241 -3.21 -2.56 -11.57
N ASP A 242 -3.65 -1.55 -12.31
CA ASP A 242 -3.05 -1.16 -13.57
C ASP A 242 -1.51 -1.03 -13.44
N ASN A 243 -1.03 -0.13 -12.60
CA ASN A 243 0.42 0.18 -12.63
C ASN A 243 1.28 -1.03 -12.25
N LEU A 244 0.72 -1.86 -11.39
CA LEU A 244 1.38 -3.05 -10.81
C LEU A 244 1.12 -4.29 -11.67
N TYR A 245 -0.12 -4.80 -11.65
CA TYR A 245 -0.48 -6.06 -12.36
C TYR A 245 -0.44 -5.91 -13.90
N GLY A 246 -0.73 -4.71 -14.37
CA GLY A 246 -0.67 -4.39 -15.79
C GLY A 246 0.72 -4.61 -16.34
N CYS A 247 1.70 -3.96 -15.72
CA CYS A 247 3.08 -4.15 -16.14
C CYS A 247 3.55 -5.57 -15.93
N ARG A 248 3.09 -6.24 -14.89
CA ARG A 248 3.50 -7.64 -14.68
C ARG A 248 3.12 -8.50 -15.92
N HIS A 249 2.02 -8.13 -16.54
CA HIS A 249 1.62 -8.72 -17.82
C HIS A 249 2.37 -8.16 -19.03
N SER A 250 2.31 -6.86 -19.19
CA SER A 250 2.77 -6.23 -20.44
C SER A 250 4.29 -6.04 -20.57
N LEU A 251 5.04 -6.00 -19.49
CA LEU A 251 6.51 -5.91 -19.60
C LEU A 251 7.09 -7.16 -20.28
N PRO A 252 6.80 -8.36 -19.73
CA PRO A 252 7.32 -9.52 -20.48
C PRO A 252 6.78 -9.65 -21.90
N ASP A 253 5.51 -9.27 -22.13
CA ASP A 253 4.93 -9.34 -23.48
C ASP A 253 5.80 -8.50 -24.44
N GLY A 254 6.06 -7.27 -24.03
CA GLY A 254 6.92 -6.38 -24.81
C GLY A 254 8.29 -6.99 -25.08
N LEU A 255 8.91 -7.55 -24.04
CA LEU A 255 10.26 -8.09 -24.22
C LEU A 255 10.23 -9.25 -25.20
N MET A 256 9.27 -10.14 -25.02
CA MET A 256 9.25 -11.34 -25.86
C MET A 256 8.94 -10.98 -27.31
N ARG A 257 7.95 -10.09 -27.55
CA ARG A 257 7.60 -9.72 -28.91
C ARG A 257 8.77 -9.07 -29.64
N ALA A 258 9.43 -8.17 -28.93
CA ALA A 258 10.45 -7.32 -29.54
C ALA A 258 11.77 -8.06 -29.84
N THR A 259 12.08 -9.07 -29.03
CA THR A 259 13.40 -9.73 -29.03
C THR A 259 13.37 -11.25 -28.99
N ASP A 260 12.28 -11.80 -28.49
CA ASP A 260 12.16 -13.23 -28.28
C ASP A 260 13.27 -13.77 -27.39
N VAL A 261 13.83 -12.91 -26.55
CA VAL A 261 14.92 -13.40 -25.68
C VAL A 261 14.38 -14.21 -24.49
N MET A 262 15.09 -15.27 -24.13
CA MET A 262 14.76 -15.99 -22.93
C MET A 262 15.06 -15.09 -21.74
N ILE A 263 14.08 -14.99 -20.85
CA ILE A 263 14.23 -14.21 -19.62
C ILE A 263 14.84 -15.07 -18.49
N ALA A 264 14.40 -16.31 -18.45
CA ALA A 264 14.90 -17.27 -17.46
C ALA A 264 16.38 -17.33 -17.64
N GLY A 265 17.07 -17.31 -16.51
CA GLY A 265 18.52 -17.48 -16.46
C GLY A 265 19.31 -16.20 -16.58
N LYS A 266 18.62 -15.14 -16.95
CA LYS A 266 19.27 -13.86 -17.14
C LYS A 266 19.33 -13.05 -15.88
N VAL A 267 20.06 -11.95 -16.00
CA VAL A 267 20.11 -10.90 -14.96
C VAL A 267 19.38 -9.69 -15.54
N ALA A 268 18.38 -9.23 -14.80
CA ALA A 268 17.59 -8.09 -15.22
C ALA A 268 17.63 -7.02 -14.16
N VAL A 269 17.85 -5.79 -14.60
CA VAL A 269 17.84 -4.61 -13.71
C VAL A 269 16.56 -3.82 -13.90
N VAL A 270 15.90 -3.55 -12.79
CA VAL A 270 14.72 -2.71 -12.81
C VAL A 270 15.01 -1.43 -12.03
N ALA A 271 15.11 -0.31 -12.74
CA ALA A 271 15.30 0.98 -12.10
C ALA A 271 13.93 1.49 -11.61
N GLY A 272 13.87 1.65 -10.31
CA GLY A 272 12.67 2.03 -9.61
C GLY A 272 11.89 0.85 -9.07
N TYR A 273 11.26 1.06 -7.93
CA TYR A 273 10.49 -0.01 -7.24
C TYR A 273 9.22 0.56 -6.62
N GLY A 274 8.62 1.45 -7.42
CA GLY A 274 7.27 1.95 -7.15
C GLY A 274 6.28 0.92 -7.64
N ASP A 275 5.09 1.37 -7.99
CA ASP A 275 4.04 0.43 -8.45
C ASP A 275 4.48 -0.28 -9.76
N VAL A 276 5.03 0.50 -10.67
CA VAL A 276 5.42 -0.02 -11.98
C VAL A 276 6.63 -0.97 -11.80
N GLY A 277 7.62 -0.52 -11.05
CA GLY A 277 8.84 -1.30 -10.81
C GLY A 277 8.53 -2.59 -10.06
N LYS A 278 7.57 -2.52 -9.14
CA LYS A 278 7.15 -3.70 -8.40
C LYS A 278 6.59 -4.74 -9.36
N GLY A 279 5.78 -4.29 -10.30
CA GLY A 279 5.16 -5.17 -11.26
C GLY A 279 6.16 -5.73 -12.23
N CYS A 280 7.09 -4.89 -12.67
CA CYS A 280 8.11 -5.35 -13.65
C CYS A 280 9.05 -6.36 -13.01
N ALA A 281 9.44 -6.06 -11.78
CA ALA A 281 10.35 -6.96 -11.02
C ALA A 281 9.67 -8.32 -10.76
N ALA A 282 8.40 -8.27 -10.43
CA ALA A 282 7.59 -9.50 -10.28
C ALA A 282 7.64 -10.38 -11.52
N ALA A 283 7.28 -9.78 -12.65
CA ALA A 283 7.27 -10.48 -13.96
C ALA A 283 8.61 -11.14 -14.23
N LEU A 284 9.67 -10.39 -13.98
CA LEU A 284 10.97 -10.84 -14.37
C LEU A 284 11.40 -11.98 -13.47
N LYS A 285 11.16 -11.82 -12.18
CA LYS A 285 11.54 -12.84 -11.23
C LYS A 285 10.67 -14.08 -11.47
N GLN A 286 9.40 -13.89 -11.77
CA GLN A 286 8.53 -15.05 -11.96
CA GLN A 286 8.49 -15.01 -11.99
C GLN A 286 8.92 -15.80 -13.25
N ALA A 287 9.61 -15.12 -14.14
CA ALA A 287 10.01 -15.75 -15.41
C ALA A 287 11.36 -16.44 -15.32
N GLY A 288 12.00 -16.28 -14.17
CA GLY A 288 13.28 -16.93 -13.87
C GLY A 288 14.52 -16.10 -14.07
N ALA A 289 14.32 -14.79 -14.18
CA ALA A 289 15.43 -13.83 -14.16
C ALA A 289 15.81 -13.57 -12.73
N ARG A 290 17.08 -13.26 -12.56
CA ARG A 290 17.59 -12.76 -11.32
C ARG A 290 17.52 -11.24 -11.41
N VAL A 291 16.72 -10.66 -10.53
CA VAL A 291 16.35 -9.25 -10.66
C VAL A 291 17.12 -8.42 -9.66
N ILE A 292 17.75 -7.38 -10.20
CA ILE A 292 18.41 -6.34 -9.41
C ILE A 292 17.66 -5.02 -9.51
N VAL A 293 17.35 -4.45 -8.36
CA VAL A 293 16.57 -3.23 -8.33
C VAL A 293 17.45 -2.02 -7.96
N THR A 294 17.22 -0.89 -8.61
CA THR A 294 17.81 0.40 -8.14
C THR A 294 16.68 1.23 -7.55
N GLU A 295 17.03 2.01 -6.54
CA GLU A 295 16.07 2.91 -5.91
C GLU A 295 16.71 4.11 -5.23
N ILE A 296 15.92 5.18 -5.11
CA ILE A 296 16.34 6.35 -4.30
C ILE A 296 15.59 6.41 -2.94
N ASP A 297 14.50 5.67 -2.86
CA ASP A 297 13.61 5.73 -1.72
C ASP A 297 13.93 4.51 -0.80
N PRO A 298 14.35 4.78 0.43
CA PRO A 298 14.82 3.66 1.25
C PRO A 298 13.67 2.73 1.64
N ILE A 299 12.47 3.25 1.63
CA ILE A 299 11.32 2.42 2.01
C ILE A 299 11.06 1.45 0.85
N CYS A 300 11.07 1.94 -0.38
CA CYS A 300 10.86 1.05 -1.52
C CYS A 300 12.00 0.06 -1.65
N ALA A 301 13.21 0.53 -1.40
CA ALA A 301 14.39 -0.36 -1.45
C ALA A 301 14.25 -1.52 -0.43
N LEU A 302 13.76 -1.20 0.77
CA LEU A 302 13.62 -2.22 1.81
C LEU A 302 12.55 -3.21 1.37
N GLN A 303 11.50 -2.70 0.74
CA GLN A 303 10.43 -3.58 0.20
C GLN A 303 11.01 -4.59 -0.77
N ALA A 304 11.87 -4.12 -1.67
CA ALA A 304 12.52 -4.99 -2.65
C ALA A 304 13.36 -6.08 -1.99
N THR A 305 14.10 -5.72 -0.96
CA THR A 305 15.02 -6.68 -0.33
C THR A 305 14.22 -7.77 0.38
N MET A 306 13.06 -7.38 0.89
CA MET A 306 12.12 -8.27 1.57
C MET A 306 11.44 -9.22 0.56
N GLU A 307 11.54 -8.90 -0.71
CA GLU A 307 11.04 -9.75 -1.75
C GLU A 307 12.16 -10.58 -2.36
N GLY A 308 13.29 -10.58 -1.70
CA GLY A 308 14.44 -11.39 -2.09
C GLY A 308 15.22 -10.84 -3.28
N LEU A 309 15.08 -9.53 -3.52
CA LEU A 309 15.75 -8.90 -4.67
C LEU A 309 16.93 -8.13 -4.16
N GLN A 310 18.01 -8.16 -4.91
CA GLN A 310 19.18 -7.35 -4.62
C GLN A 310 18.96 -5.89 -5.01
N VAL A 311 19.39 -5.00 -4.12
CA VAL A 311 19.34 -3.55 -4.36
C VAL A 311 20.75 -2.95 -4.47
N LEU A 312 21.05 -2.45 -5.65
CA LEU A 312 22.36 -1.92 -5.96
C LEU A 312 22.25 -0.65 -6.82
N THR A 313 23.33 0.11 -6.98
CA THR A 313 23.34 1.19 -7.96
C THR A 313 23.56 0.63 -9.37
N LEU A 314 23.03 1.35 -10.36
CA LEU A 314 23.20 0.92 -11.75
C LEU A 314 24.66 0.65 -12.08
N GLU A 315 25.52 1.49 -11.54
CA GLU A 315 26.96 1.45 -11.84
C GLU A 315 27.55 0.10 -11.43
N ASP A 316 26.95 -0.55 -10.45
CA ASP A 316 27.52 -1.82 -9.95
CA ASP A 316 27.48 -1.81 -9.90
C ASP A 316 27.17 -2.99 -10.84
N VAL A 317 26.19 -2.81 -11.72
CA VAL A 317 25.71 -3.95 -12.50
C VAL A 317 25.66 -3.74 -14.00
N VAL A 318 26.16 -2.61 -14.47
CA VAL A 318 25.90 -2.21 -15.84
C VAL A 318 26.51 -3.19 -16.85
N SER A 319 27.62 -3.84 -16.50
CA SER A 319 28.29 -4.71 -17.45
C SER A 319 27.85 -6.15 -17.30
N GLU A 320 27.07 -6.40 -16.26
CA GLU A 320 26.58 -7.75 -15.95
C GLU A 320 25.17 -8.02 -16.45
N ALA A 321 24.31 -7.00 -16.38
CA ALA A 321 22.86 -7.24 -16.68
C ALA A 321 22.61 -7.53 -18.17
N ASP A 322 21.63 -8.38 -18.39
CA ASP A 322 21.20 -8.70 -19.74
C ASP A 322 20.03 -7.83 -20.21
N ILE A 323 19.27 -7.30 -19.27
CA ILE A 323 18.01 -6.61 -19.60
C ILE A 323 17.93 -5.45 -18.64
N PHE A 324 17.61 -4.26 -19.13
CA PHE A 324 17.41 -3.08 -18.28
C PHE A 324 16.04 -2.48 -18.52
N VAL A 325 15.28 -2.23 -17.46
CA VAL A 325 13.96 -1.61 -17.55
C VAL A 325 13.85 -0.43 -16.62
N THR A 326 13.55 0.74 -17.17
CA THR A 326 13.37 1.95 -16.38
C THR A 326 11.89 2.16 -16.02
N THR A 327 11.62 2.41 -14.74
CA THR A 327 10.25 2.57 -14.24
C THR A 327 10.02 3.77 -13.34
N THR A 328 10.90 4.76 -13.46
CA THR A 328 11.05 5.79 -12.43
C THR A 328 10.15 7.03 -12.55
N GLY A 329 9.77 7.41 -13.76
CA GLY A 329 9.13 8.71 -14.01
C GLY A 329 10.11 9.86 -13.85
N ASN A 330 11.37 9.50 -13.69
CA ASN A 330 12.45 10.50 -13.57
C ASN A 330 13.25 10.55 -14.87
N LYS A 331 14.27 11.39 -14.90
CA LYS A 331 15.13 11.52 -16.10
C LYS A 331 16.53 11.03 -15.82
N ASP A 332 17.23 10.72 -16.91
CA ASP A 332 18.67 10.47 -16.89
C ASP A 332 18.97 9.26 -16.03
N ILE A 333 18.19 8.21 -16.21
CA ILE A 333 18.40 6.97 -15.47
C ILE A 333 19.51 6.14 -16.11
N ILE A 334 19.42 5.96 -17.42
CA ILE A 334 20.42 5.19 -18.16
C ILE A 334 21.07 6.09 -19.18
N MET A 335 22.31 6.46 -18.90
CA MET A 335 23.04 7.43 -19.72
C MET A 335 23.96 6.72 -20.74
N LEU A 336 24.39 7.49 -21.70
CA LEU A 336 25.30 6.98 -22.72
C LEU A 336 26.49 6.28 -22.07
N ASP A 337 26.99 6.87 -21.01
CA ASP A 337 28.19 6.33 -20.36
C ASP A 337 27.92 4.94 -19.75
N HIS A 338 26.68 4.73 -19.34
CA HIS A 338 26.25 3.40 -18.91
C HIS A 338 26.19 2.45 -20.10
N MET A 339 25.57 2.93 -21.18
CA MET A 339 25.28 2.07 -22.33
C MET A 339 26.57 1.53 -22.96
N LYS A 340 27.59 2.37 -22.95
CA LYS A 340 28.88 2.00 -23.50
C LYS A 340 29.57 0.83 -22.79
N LYS A 341 29.14 0.56 -21.56
CA LYS A 341 29.73 -0.46 -20.72
C LYS A 341 28.96 -1.77 -20.77
N MET A 342 27.78 -1.73 -21.40
CA MET A 342 26.91 -2.90 -21.46
C MET A 342 27.45 -4.00 -22.37
N LYS A 343 27.08 -5.21 -22.06
CA LYS A 343 27.50 -6.36 -22.87
C LYS A 343 26.79 -6.30 -24.21
N ASN A 344 27.40 -6.97 -25.17
CA ASN A 344 26.80 -7.11 -26.50
C ASN A 344 25.40 -7.63 -26.42
N ASN A 345 24.51 -6.87 -27.02
CA ASN A 345 23.06 -7.20 -27.12
C ASN A 345 22.25 -7.13 -25.84
N ALA A 346 22.80 -6.46 -24.83
CA ALA A 346 22.01 -6.05 -23.67
C ALA A 346 20.77 -5.33 -24.18
N ILE A 347 19.65 -5.63 -23.55
CA ILE A 347 18.36 -5.04 -23.92
C ILE A 347 18.00 -3.91 -23.00
N VAL A 348 17.73 -2.76 -23.59
CA VAL A 348 17.46 -1.55 -22.82
C VAL A 348 16.11 -0.96 -23.18
N CYS A 349 15.28 -0.76 -22.15
CA CYS A 349 13.93 -0.28 -22.36
C CYS A 349 13.38 0.52 -21.20
N ASN A 350 12.33 1.26 -21.57
CA ASN A 350 11.64 2.18 -20.66
C ASN A 350 10.14 1.90 -20.66
N ILE A 351 9.58 1.79 -19.47
CA ILE A 351 8.15 1.57 -19.30
C ILE A 351 7.55 2.70 -18.45
N GLY A 352 8.39 3.68 -18.17
CA GLY A 352 7.99 4.80 -17.34
C GLY A 352 7.34 5.98 -18.06
N HIS A 353 8.18 6.89 -18.50
CA HIS A 353 7.62 8.12 -19.07
C HIS A 353 8.51 8.66 -20.15
N PHE A 354 7.81 9.25 -21.08
CA PHE A 354 8.50 10.01 -22.09
C PHE A 354 9.66 9.24 -22.71
N ASP A 355 10.79 9.89 -22.88
CA ASP A 355 11.86 9.30 -23.70
C ASP A 355 13.20 9.68 -23.13
N ASN A 356 13.14 10.07 -21.86
CA ASN A 356 14.29 10.68 -21.24
C ASN A 356 14.77 9.95 -20.03
N GLU A 357 14.11 8.84 -19.73
CA GLU A 357 14.60 7.89 -18.69
C GLU A 357 15.90 7.27 -19.18
N ILE A 358 15.90 6.91 -20.46
CA ILE A 358 17.09 6.49 -21.20
C ILE A 358 17.63 7.67 -22.01
N ASP A 359 18.94 7.78 -22.05
CA ASP A 359 19.65 8.90 -22.76
C ASP A 359 19.64 8.74 -24.29
N MET A 360 18.47 8.85 -24.87
CA MET A 360 18.35 8.63 -26.32
C MET A 360 19.13 9.69 -27.10
N LEU A 361 19.07 10.92 -26.61
CA LEU A 361 19.76 12.05 -27.25
C LEU A 361 21.26 11.79 -27.30
N GLY A 362 21.82 11.48 -26.13
CA GLY A 362 23.25 11.14 -26.01
C GLY A 362 23.65 9.98 -26.91
N LEU A 363 22.74 9.04 -27.07
CA LEU A 363 23.02 7.84 -27.86
C LEU A 363 23.03 8.21 -29.33
N GLU A 364 22.00 8.94 -29.75
CA GLU A 364 21.82 9.27 -31.17
CA GLU A 364 21.84 9.26 -31.18
C GLU A 364 22.94 10.17 -31.69
N THR A 365 23.57 10.90 -30.79
CA THR A 365 24.54 11.93 -31.17
C THR A 365 25.98 11.48 -30.87
N HIS A 366 26.10 10.22 -30.45
CA HIS A 366 27.40 9.68 -30.12
C HIS A 366 28.20 9.51 -31.42
N PRO A 367 29.37 10.17 -31.52
CA PRO A 367 30.07 10.10 -32.80
C PRO A 367 30.43 8.68 -33.22
N GLY A 368 30.13 8.39 -34.47
CA GLY A 368 30.44 7.08 -35.07
C GLY A 368 29.47 5.96 -34.68
N VAL A 369 28.47 6.29 -33.88
CA VAL A 369 27.46 5.26 -33.54
C VAL A 369 26.70 4.85 -34.80
N LYS A 370 26.27 3.60 -34.85
CA LYS A 370 25.42 3.14 -35.97
C LYS A 370 24.16 2.48 -35.46
N ARG A 371 23.06 2.82 -36.08
CA ARG A 371 21.74 2.24 -35.75
C ARG A 371 21.36 1.27 -36.84
N ILE A 372 21.03 0.06 -36.41
CA ILE A 372 20.43 -0.93 -37.29
C ILE A 372 19.05 -1.34 -36.79
N THR A 373 18.03 -1.13 -37.60
CA THR A 373 16.67 -1.55 -37.26
C THR A 373 16.50 -3.03 -37.58
N ILE A 374 16.19 -3.78 -36.54
CA ILE A 374 16.02 -5.23 -36.68
C ILE A 374 14.63 -5.41 -37.29
N LYS A 375 13.72 -4.59 -36.78
CA LYS A 375 12.33 -4.55 -37.14
C LYS A 375 11.68 -3.39 -36.39
N PRO A 376 10.47 -2.99 -36.77
CA PRO A 376 9.95 -1.82 -36.11
C PRO A 376 9.94 -1.90 -34.57
N GLN A 377 10.54 -0.88 -33.97
CA GLN A 377 10.63 -0.71 -32.51
C GLN A 377 11.64 -1.63 -31.81
N THR A 378 12.45 -2.32 -32.61
CA THR A 378 13.62 -3.07 -32.10
C THR A 378 14.86 -2.63 -32.90
N ASP A 379 15.70 -1.86 -32.24
CA ASP A 379 16.88 -1.26 -32.86
CA ASP A 379 16.88 -1.31 -32.87
C ASP A 379 18.14 -1.71 -32.16
N ARG A 380 19.14 -2.03 -32.95
CA ARG A 380 20.45 -2.39 -32.44
C ARG A 380 21.44 -1.25 -32.74
N TRP A 381 22.02 -0.70 -31.69
CA TRP A 381 23.01 0.34 -31.81
C TRP A 381 24.38 -0.21 -31.54
N VAL A 382 25.30 0.06 -32.47
CA VAL A 382 26.69 -0.40 -32.40
C VAL A 382 27.64 0.75 -32.15
N PHE A 383 28.49 0.60 -31.16
CA PHE A 383 29.43 1.64 -30.79
C PHE A 383 30.78 1.44 -31.45
N PRO A 384 31.42 2.54 -31.86
CA PRO A 384 32.64 2.39 -32.62
C PRO A 384 33.83 1.98 -31.79
N GLU A 385 33.76 2.20 -30.49
CA GLU A 385 34.92 1.96 -29.63
C GLU A 385 35.11 0.46 -29.43
N THR A 386 34.00 -0.24 -29.34
CA THR A 386 33.94 -1.61 -28.90
C THR A 386 33.51 -2.53 -30.02
N ASN A 387 32.79 -1.96 -30.96
CA ASN A 387 32.14 -2.73 -32.03
CA ASN A 387 32.14 -2.71 -32.04
C ASN A 387 31.18 -3.75 -31.47
N THR A 388 30.62 -3.44 -30.32
CA THR A 388 29.52 -4.23 -29.77
C THR A 388 28.28 -3.35 -29.73
N GLY A 389 27.14 -3.97 -29.47
CA GLY A 389 25.88 -3.29 -29.59
C GLY A 389 24.98 -3.43 -28.38
N ILE A 390 23.98 -2.58 -28.37
CA ILE A 390 22.85 -2.78 -27.44
C ILE A 390 21.56 -2.72 -28.22
N ILE A 391 20.51 -3.27 -27.62
CA ILE A 391 19.21 -3.30 -28.27
C ILE A 391 18.29 -2.34 -27.51
N ILE A 392 17.84 -1.33 -28.21
CA ILE A 392 16.91 -0.33 -27.68
C ILE A 392 15.52 -0.63 -28.16
N LEU A 393 14.58 -0.68 -27.22
CA LEU A 393 13.18 -0.92 -27.59
C LEU A 393 12.38 0.39 -27.68
N ALA A 394 11.63 0.51 -28.78
CA ALA A 394 10.68 1.60 -29.03
C ALA A 394 11.32 2.95 -28.86
N GLU A 395 12.56 3.05 -29.29
CA GLU A 395 13.31 4.29 -29.23
C GLU A 395 13.17 4.90 -27.83
N GLY A 396 13.11 4.02 -26.86
CA GLY A 396 13.13 4.48 -25.47
C GLY A 396 11.83 5.01 -24.93
N ARG A 397 10.78 4.88 -25.74
CA ARG A 397 9.43 5.19 -25.30
C ARG A 397 8.72 3.96 -24.75
N LEU A 398 7.58 4.20 -24.09
CA LEU A 398 6.91 3.13 -23.34
C LEU A 398 6.98 1.83 -24.13
N MET A 399 7.68 0.82 -23.58
CA MET A 399 7.98 -0.39 -24.38
C MET A 399 6.83 -1.38 -24.47
N ASN A 400 5.98 -1.38 -23.47
CA ASN A 400 4.86 -2.32 -23.42
C ASN A 400 3.84 -2.02 -24.50
N LEU A 401 3.52 -0.73 -24.62
CA LEU A 401 2.60 -0.22 -25.66
C LEU A 401 3.32 -0.14 -27.00
N GLY A 402 4.61 0.08 -26.96
CA GLY A 402 5.39 0.29 -28.21
C GLY A 402 5.66 -1.01 -28.95
N CYS A 403 5.98 -2.04 -28.17
CA CYS A 403 6.47 -3.28 -28.73
C CYS A 403 5.43 -4.38 -28.64
N ALA A 404 4.39 -4.17 -27.85
CA ALA A 404 3.31 -5.16 -27.75
C ALA A 404 1.99 -4.42 -27.79
N THR A 405 1.12 -4.66 -26.80
CA THR A 405 -0.24 -4.07 -26.85
C THR A 405 -0.65 -3.40 -25.55
N GLY A 406 0.36 -3.13 -24.73
CA GLY A 406 0.16 -2.60 -23.40
C GLY A 406 -0.57 -3.60 -22.53
N HIS A 407 -1.29 -3.05 -21.54
CA HIS A 407 -2.00 -3.83 -20.54
C HIS A 407 -3.20 -4.53 -21.15
N PRO A 408 -3.60 -5.66 -20.57
CA PRO A 408 -4.81 -6.32 -21.07
C PRO A 408 -6.12 -5.64 -20.67
N SER A 409 -7.18 -6.09 -21.32
CA SER A 409 -8.46 -5.44 -21.18
C SER A 409 -8.96 -5.46 -19.71
N PHE A 410 -8.79 -6.58 -19.02
CA PHE A 410 -9.44 -6.70 -17.71
C PHE A 410 -8.91 -5.65 -16.80
N VAL A 411 -7.60 -5.49 -16.74
CA VAL A 411 -7.07 -4.48 -15.82
C VAL A 411 -7.36 -3.04 -16.31
N MET A 412 -7.36 -2.81 -17.61
CA MET A 412 -7.73 -1.48 -18.15
C MET A 412 -9.22 -1.17 -17.88
N SER A 413 -10.02 -2.21 -17.66
CA SER A 413 -11.42 -1.98 -17.29
C SER A 413 -11.49 -1.33 -15.90
N CYS A 414 -10.56 -1.72 -15.04
CA CYS A 414 -10.47 -1.08 -13.72
C CYS A 414 -10.09 0.40 -13.83
N SER A 415 -9.04 0.70 -14.59
CA SER A 415 -8.61 2.07 -14.74
C SER A 415 -9.65 2.93 -15.42
N PHE A 416 -10.25 2.36 -16.44
CA PHE A 416 -11.12 3.11 -17.31
C PHE A 416 -12.50 3.30 -16.69
N THR A 417 -12.89 2.38 -15.79
CA THR A 417 -14.18 2.56 -15.10
C THR A 417 -14.03 3.78 -14.20
N ASN A 418 -12.84 3.93 -13.63
CA ASN A 418 -12.53 5.13 -12.84
C ASN A 418 -12.60 6.39 -13.73
N GLN A 419 -12.18 6.26 -14.97
CA GLN A 419 -12.18 7.41 -15.92
C GLN A 419 -13.62 7.83 -16.19
N VAL A 420 -14.49 6.85 -16.39
CA VAL A 420 -15.89 7.14 -16.65
C VAL A 420 -16.56 7.82 -15.46
N ILE A 421 -16.26 7.30 -14.26
CA ILE A 421 -16.83 7.85 -13.02
C ILE A 421 -16.40 9.31 -12.81
N ALA A 422 -15.16 9.57 -13.20
CA ALA A 422 -14.54 10.88 -13.00
C ALA A 422 -15.16 11.87 -13.94
N GLN A 423 -15.36 11.43 -15.17
CA GLN A 423 -15.97 12.26 -16.20
C GLN A 423 -17.41 12.59 -15.82
N LEU A 424 -18.13 11.56 -15.37
CA LEU A 424 -19.52 11.74 -14.99
C LEU A 424 -19.62 12.72 -13.83
N GLU A 425 -18.67 12.62 -12.91
CA GLU A 425 -18.65 13.52 -11.75
C GLU A 425 -18.44 14.96 -12.18
N LEU A 426 -17.47 15.18 -13.04
CA LEU A 426 -17.15 16.53 -13.49
C LEU A 426 -18.34 17.13 -14.23
N TRP A 427 -18.90 16.35 -15.14
CA TRP A 427 -19.96 16.79 -16.03
C TRP A 427 -21.23 16.99 -15.25
N ASN A 428 -21.52 16.04 -14.35
CA ASN A 428 -22.76 16.17 -13.60
C ASN A 428 -22.71 17.39 -12.70
N GLU A 429 -21.51 17.76 -12.25
CA GLU A 429 -21.34 18.92 -11.34
C GLU A 429 -20.87 20.17 -12.07
N LYS A 430 -21.03 20.19 -13.39
CA LYS A 430 -20.48 21.29 -14.19
C LYS A 430 -20.94 22.66 -13.68
N SER A 431 -22.20 22.70 -13.23
CA SER A 431 -22.85 23.97 -12.85
C SER A 431 -22.93 24.26 -11.36
N SER A 432 -22.46 23.34 -10.53
CA SER A 432 -22.75 23.38 -9.08
C SER A 432 -21.67 24.07 -8.23
N GLY A 433 -20.52 24.31 -8.83
CA GLY A 433 -19.42 24.95 -8.13
C GLY A 433 -18.80 24.04 -7.10
N LYS A 434 -19.06 22.76 -7.19
CA LYS A 434 -18.52 21.82 -6.20
C LYS A 434 -17.01 21.73 -6.29
N TYR A 435 -16.51 21.82 -7.51
CA TYR A 435 -15.10 21.64 -7.78
C TYR A 435 -14.44 22.93 -8.14
N GLU A 436 -13.36 23.19 -7.43
CA GLU A 436 -12.55 24.36 -7.66
C GLU A 436 -11.49 24.01 -8.68
N LYS A 437 -10.62 24.97 -8.95
CA LYS A 437 -9.49 24.80 -9.85
C LYS A 437 -8.39 24.10 -9.07
N LYS A 438 -8.73 22.90 -8.65
CA LYS A 438 -7.84 22.07 -7.88
C LYS A 438 -7.89 20.62 -8.31
N VAL A 439 -7.08 19.80 -7.68
CA VAL A 439 -6.95 18.39 -8.03
C VAL A 439 -7.67 17.53 -6.99
N TYR A 440 -8.56 16.67 -7.42
CA TYR A 440 -9.37 15.86 -6.51
C TYR A 440 -9.21 14.41 -6.80
N VAL A 441 -9.47 13.55 -5.81
CA VAL A 441 -9.52 12.11 -6.07
C VAL A 441 -10.93 11.60 -5.77
N LEU A 442 -11.29 10.50 -6.40
CA LEU A 442 -12.62 9.91 -6.22
C LEU A 442 -12.80 9.39 -4.79
N PRO A 443 -14.03 9.46 -4.24
CA PRO A 443 -14.19 8.89 -2.91
C PRO A 443 -14.12 7.36 -2.89
N LYS A 444 -13.81 6.83 -1.72
CA LYS A 444 -13.57 5.41 -1.51
C LYS A 444 -14.76 4.58 -1.94
N HIS A 445 -15.99 5.02 -1.68
CA HIS A 445 -17.13 4.18 -2.00
C HIS A 445 -17.15 3.87 -3.50
N LEU A 446 -16.58 4.80 -4.28
CA LEU A 446 -16.57 4.67 -5.76
C LEU A 446 -15.45 3.76 -6.19
N ASP A 447 -14.33 3.88 -5.49
CA ASP A 447 -13.14 3.08 -5.71
C ASP A 447 -13.54 1.61 -5.43
N GLU A 448 -14.25 1.41 -4.33
CA GLU A 448 -14.74 0.09 -3.96
C GLU A 448 -15.77 -0.42 -4.97
N LYS A 449 -16.62 0.45 -5.47
CA LYS A 449 -17.61 0.05 -6.49
C LYS A 449 -16.91 -0.51 -7.75
N VAL A 450 -15.80 0.13 -8.12
CA VAL A 450 -15.05 -0.31 -9.30
C VAL A 450 -14.57 -1.75 -9.11
N ALA A 451 -14.00 -2.02 -7.94
CA ALA A 451 -13.55 -3.39 -7.63
C ALA A 451 -14.75 -4.33 -7.64
N ALA A 452 -15.84 -3.94 -7.01
CA ALA A 452 -16.99 -4.86 -6.89
C ALA A 452 -17.51 -5.25 -8.27
N LEU A 453 -17.41 -4.31 -9.19
CA LEU A 453 -17.91 -4.56 -10.56
C LEU A 453 -17.11 -5.60 -11.35
N HIS A 454 -15.94 -5.98 -10.85
CA HIS A 454 -15.02 -6.87 -11.58
C HIS A 454 -14.90 -8.24 -10.96
N LEU A 455 -15.57 -8.43 -9.84
CA LEU A 455 -15.45 -9.69 -9.09
C LEU A 455 -16.26 -10.83 -9.67
N GLU A 456 -17.47 -10.56 -10.15
CA GLU A 456 -18.32 -11.64 -10.65
C GLU A 456 -17.65 -12.37 -11.83
N LYS A 457 -16.99 -11.58 -12.65
CA LYS A 457 -16.28 -12.10 -13.84
C LYS A 457 -15.24 -13.18 -13.45
N LEU A 458 -14.61 -12.99 -12.30
CA LEU A 458 -13.56 -13.89 -11.83
C LEU A 458 -14.08 -14.92 -10.84
N GLY A 459 -15.40 -14.86 -10.60
CA GLY A 459 -16.10 -15.81 -9.71
C GLY A 459 -15.71 -15.64 -8.25
N ALA A 460 -15.24 -14.45 -7.89
CA ALA A 460 -14.87 -14.12 -6.50
C ALA A 460 -16.14 -13.80 -5.72
N LYS A 461 -16.38 -14.54 -4.63
CA LYS A 461 -17.60 -14.36 -3.82
C LYS A 461 -17.23 -13.68 -2.50
N LEU A 462 -17.82 -12.52 -2.31
CA LEU A 462 -17.55 -11.67 -1.15
C LEU A 462 -18.39 -12.14 0.03
N THR A 463 -17.87 -11.96 1.23
CA THR A 463 -18.63 -12.18 2.42
C THR A 463 -19.37 -10.89 2.75
N LYS A 464 -20.54 -11.05 3.33
CA LYS A 464 -21.30 -9.91 3.80
C LYS A 464 -21.25 -9.89 5.33
N LEU A 465 -20.85 -8.75 5.83
CA LEU A 465 -20.93 -8.45 7.26
C LEU A 465 -22.35 -8.52 7.81
N SER A 466 -22.46 -9.12 8.99
CA SER A 466 -23.68 -8.97 9.80
C SER A 466 -23.66 -7.53 10.32
N LYS A 467 -24.84 -7.02 10.67
CA LYS A 467 -24.93 -5.68 11.26
C LYS A 467 -24.06 -5.68 12.51
N ASP A 468 -24.13 -6.76 13.26
CA ASP A 468 -23.34 -6.88 14.51
C ASP A 468 -21.83 -6.76 14.24
N GLN A 469 -21.36 -7.42 13.19
CA GLN A 469 -19.93 -7.33 12.81
C GLN A 469 -19.56 -5.95 12.28
N ALA A 470 -20.45 -5.36 11.47
CA ALA A 470 -20.16 -4.02 10.93
C ALA A 470 -20.01 -3.04 12.09
N ASP A 471 -20.91 -3.12 13.06
CA ASP A 471 -20.81 -2.27 14.25
C ASP A 471 -19.50 -2.52 14.97
N TYR A 472 -19.15 -3.80 15.10
CA TYR A 472 -17.94 -4.15 15.84
C TYR A 472 -16.70 -3.50 15.22
N ILE A 473 -16.61 -3.38 13.91
CA ILE A 473 -15.40 -2.77 13.35
C ILE A 473 -15.68 -1.34 12.86
N SER A 474 -16.86 -0.85 13.18
CA SER A 474 -17.24 0.55 12.92
C SER A 474 -17.24 0.93 11.44
N VAL A 475 -17.87 0.10 10.62
CA VAL A 475 -18.07 0.41 9.20
C VAL A 475 -19.48 0.08 8.82
N PRO A 476 -20.00 0.72 7.77
CA PRO A 476 -21.33 0.34 7.33
C PRO A 476 -21.28 -1.02 6.63
N VAL A 477 -22.37 -1.76 6.71
CA VAL A 477 -22.42 -3.07 6.05
C VAL A 477 -22.01 -2.93 4.57
N GLU A 478 -22.42 -1.84 3.96
CA GLU A 478 -22.22 -1.63 2.51
C GLU A 478 -20.97 -0.82 2.26
N GLY A 479 -20.22 -0.61 3.33
CA GLY A 479 -18.94 0.11 3.27
C GLY A 479 -19.13 1.62 3.22
N PRO A 480 -18.04 2.39 3.04
CA PRO A 480 -16.65 2.05 2.78
C PRO A 480 -16.06 1.27 3.94
N TYR A 481 -15.16 0.35 3.61
CA TYR A 481 -14.64 -0.61 4.60
C TYR A 481 -13.35 -0.24 5.27
N LYS A 482 -12.60 0.72 4.70
CA LYS A 482 -11.28 1.10 5.22
C LYS A 482 -11.13 2.59 5.56
N PRO A 483 -10.22 2.92 6.50
CA PRO A 483 -10.02 4.32 6.80
C PRO A 483 -9.48 5.07 5.61
N PHE A 484 -9.63 6.38 5.66
CA PHE A 484 -9.26 7.26 4.56
C PHE A 484 -7.83 7.01 4.09
N HIS A 485 -6.95 6.77 5.04
CA HIS A 485 -5.50 6.73 4.78
C HIS A 485 -4.98 5.32 4.49
N TYR A 486 -5.90 4.39 4.35
CA TYR A 486 -5.54 2.98 4.24
C TYR A 486 -4.75 2.77 2.94
N ARG A 487 -3.71 1.95 3.03
CA ARG A 487 -2.77 1.84 1.87
C ARG A 487 -2.92 0.56 1.06
N TYR A 488 -3.70 -0.37 1.58
CA TYR A 488 -3.94 -1.64 0.91
C TYR A 488 -2.64 -2.38 0.63
N GLY B 1 -4.77 -12.20 53.35
CA GLY B 1 -3.98 -12.77 52.23
C GLY B 1 -4.42 -14.16 51.83
N SER B 2 -4.73 -14.27 50.54
CA SER B 2 -5.04 -15.56 49.88
C SER B 2 -3.79 -16.45 49.89
N HIS B 3 -4.01 -17.74 50.11
CA HIS B 3 -2.91 -18.73 50.05
C HIS B 3 -2.24 -18.63 48.70
N MET B 4 -3.04 -18.26 47.68
CA MET B 4 -2.59 -18.24 46.27
C MET B 4 -2.38 -16.81 45.73
N ALA B 5 -2.58 -15.82 46.59
CA ALA B 5 -2.40 -14.42 46.17
C ALA B 5 -1.19 -14.32 45.30
N LEU B 6 -1.28 -13.42 44.32
CA LEU B 6 -0.16 -13.02 43.50
C LEU B 6 0.63 -11.96 44.23
N LEU B 7 1.92 -12.24 44.47
CA LEU B 7 2.84 -11.29 45.13
C LEU B 7 4.09 -10.94 44.29
N VAL B 8 4.42 -9.65 44.20
CA VAL B 8 5.66 -9.21 43.50
C VAL B 8 6.88 -9.71 44.25
N GLU B 9 7.96 -9.99 43.54
CA GLU B 9 9.23 -10.22 44.21
C GLU B 9 10.13 -9.05 43.90
N LYS B 10 11.31 -9.03 44.48
CA LYS B 10 12.21 -7.92 44.25
C LYS B 10 13.62 -8.39 44.04
N THR B 11 14.32 -7.76 43.10
CA THR B 11 15.71 -8.07 42.89
C THR B 11 16.47 -7.63 44.12
N THR B 12 17.77 -7.91 44.11
CA THR B 12 18.61 -7.61 45.26
C THR B 12 18.64 -6.08 45.43
N SER B 13 18.32 -5.39 44.34
CA SER B 13 18.35 -3.93 44.23
C SER B 13 16.95 -3.33 44.50
N GLY B 14 16.00 -4.21 44.78
CA GLY B 14 14.68 -3.78 45.23
C GLY B 14 13.74 -3.37 44.10
N ARG B 15 14.09 -3.76 42.86
CA ARG B 15 13.15 -3.59 41.74
C ARG B 15 12.19 -4.77 41.68
N GLU B 16 10.93 -4.40 41.51
CA GLU B 16 9.82 -5.35 41.47
C GLU B 16 9.78 -6.15 40.18
N TYR B 17 9.31 -7.38 40.34
CA TYR B 17 9.01 -8.25 39.20
C TYR B 17 8.13 -9.43 39.59
N LYS B 18 7.54 -10.02 38.56
CA LYS B 18 6.98 -11.35 38.68
C LYS B 18 7.14 -12.03 37.34
N VAL B 19 7.98 -13.04 37.31
CA VAL B 19 8.25 -13.84 36.09
C VAL B 19 8.22 -15.30 36.41
N LYS B 20 8.29 -16.15 35.38
CA LYS B 20 8.21 -17.62 35.59
C LYS B 20 9.40 -18.19 36.37
N ASP B 21 10.60 -17.80 35.96
CA ASP B 21 11.81 -18.44 36.45
CA ASP B 21 11.81 -18.42 36.50
C ASP B 21 13.05 -17.58 36.20
N MET B 22 13.47 -16.87 37.23
CA MET B 22 14.59 -15.92 37.12
C MET B 22 15.84 -16.59 36.67
N SER B 23 15.86 -17.90 36.82
CA SER B 23 17.09 -18.64 36.54
C SER B 23 17.32 -18.73 35.03
N GLN B 24 16.32 -18.28 34.27
CA GLN B 24 16.37 -18.24 32.80
C GLN B 24 17.05 -16.98 32.25
N ALA B 25 17.49 -16.12 33.16
CA ALA B 25 18.01 -14.83 32.78
C ALA B 25 19.29 -14.94 31.90
N ASP B 26 20.18 -15.88 32.19
CA ASP B 26 21.42 -16.00 31.39
C ASP B 26 21.10 -16.32 29.92
N PHE B 27 20.17 -17.25 29.75
CA PHE B 27 19.65 -17.67 28.44
C PHE B 27 19.00 -16.50 27.69
N GLY B 28 18.15 -15.78 28.38
CA GLY B 28 17.59 -14.55 27.89
C GLY B 28 18.67 -13.61 27.36
N ARG B 29 19.68 -13.40 28.17
CA ARG B 29 20.77 -12.48 27.78
C ARG B 29 21.47 -12.95 26.50
N LEU B 30 21.76 -14.23 26.42
CA LEU B 30 22.42 -14.79 25.23
C LEU B 30 21.61 -14.50 23.96
N GLU B 31 20.30 -14.65 24.01
CA GLU B 31 19.44 -14.43 22.83
C GLU B 31 19.22 -12.95 22.60
N ILE B 32 19.25 -12.15 23.65
CA ILE B 32 19.13 -10.70 23.47
C ILE B 32 20.34 -10.15 22.70
N GLU B 33 21.51 -10.71 23.02
CA GLU B 33 22.76 -10.31 22.35
C GLU B 33 22.69 -10.60 20.87
N LEU B 34 22.09 -11.73 20.52
CA LEU B 34 21.95 -12.10 19.11
C LEU B 34 20.98 -11.14 18.44
N ALA B 35 19.87 -10.85 19.13
CA ALA B 35 18.81 -9.97 18.60
C ALA B 35 19.30 -8.58 18.34
N GLU B 36 20.21 -8.10 19.16
CA GLU B 36 20.71 -6.72 19.02
C GLU B 36 21.30 -6.52 17.60
N VAL B 37 22.02 -7.52 17.17
CA VAL B 37 22.71 -7.49 15.86
C VAL B 37 21.67 -7.47 14.73
N GLU B 38 20.53 -8.09 14.97
CA GLU B 38 19.44 -8.16 13.99
C GLU B 38 18.49 -6.94 14.05
N MET B 39 18.76 -6.03 14.99
CA MET B 39 17.92 -4.84 15.20
C MET B 39 18.68 -3.52 15.09
N PRO B 40 19.20 -3.20 13.90
CA PRO B 40 20.14 -2.07 13.74
C PRO B 40 19.48 -0.73 13.97
N GLY B 41 18.16 -0.69 13.81
CA GLY B 41 17.41 0.55 14.02
C GLY B 41 17.44 0.94 15.48
N LEU B 42 17.23 -0.04 16.34
CA LEU B 42 17.23 0.17 17.79
C LEU B 42 18.67 0.47 18.27
N MET B 43 19.64 -0.24 17.74
CA MET B 43 21.04 -0.02 18.15
C MET B 43 21.56 1.35 17.70
N ALA B 44 21.16 1.80 16.52
CA ALA B 44 21.55 3.13 16.04
C ALA B 44 20.86 4.21 16.89
N SER B 45 19.67 3.90 17.37
CA SER B 45 18.95 4.84 18.25
C SER B 45 19.72 5.03 19.54
N ARG B 46 20.26 3.93 20.06
CA ARG B 46 21.11 3.97 21.26
C ARG B 46 22.35 4.81 21.02
N SER B 47 22.99 4.63 19.86
CA SER B 47 24.20 5.38 19.55
C SER B 47 23.90 6.85 19.41
N GLU B 48 22.83 7.16 18.68
CA GLU B 48 22.53 8.56 18.37
C GLU B 48 22.05 9.31 19.62
N PHE B 49 21.22 8.66 20.43
CA PHE B 49 20.53 9.38 21.51
C PHE B 49 21.00 9.05 22.93
N GLY B 50 21.69 7.94 23.08
CA GLY B 50 22.22 7.58 24.39
C GLY B 50 22.86 8.73 25.14
N PRO B 51 23.87 9.35 24.53
CA PRO B 51 24.66 10.31 25.28
C PRO B 51 23.86 11.49 25.81
N SER B 52 22.74 11.83 25.17
CA SER B 52 21.95 13.00 25.61
C SER B 52 20.81 12.59 26.55
N GLN B 53 20.66 11.29 26.80
CA GLN B 53 19.69 10.81 27.80
C GLN B 53 18.35 11.56 27.71
N PRO B 54 17.72 11.53 26.54
CA PRO B 54 16.51 12.31 26.35
C PRO B 54 15.33 11.88 27.24
N PHE B 55 15.36 10.65 27.77
CA PHE B 55 14.25 10.17 28.65
C PHE B 55 14.58 10.29 30.13
N LYS B 56 15.63 11.05 30.44
CA LYS B 56 15.98 11.25 31.87
C LYS B 56 14.76 11.71 32.65
N GLY B 57 14.42 10.95 33.66
CA GLY B 57 13.35 11.33 34.59
C GLY B 57 12.00 10.85 34.10
N ALA B 58 11.98 10.25 32.94
CA ALA B 58 10.71 9.79 32.37
C ALA B 58 10.44 8.40 32.88
N LYS B 59 9.16 8.14 33.13
CA LYS B 59 8.70 6.81 33.53
C LYS B 59 7.80 6.23 32.49
N ILE B 60 8.16 5.04 32.00
CA ILE B 60 7.44 4.43 30.88
C ILE B 60 6.84 3.12 31.27
N THR B 61 5.53 3.01 31.09
CA THR B 61 4.85 1.74 31.20
C THR B 61 4.56 1.18 29.81
N GLY B 62 4.90 -0.08 29.63
CA GLY B 62 4.66 -0.77 28.38
C GLY B 62 3.94 -2.09 28.50
N SER B 63 3.18 -2.40 27.45
N SER B 63 3.17 -2.36 27.46
CA SER B 63 2.41 -3.67 27.33
CA SER B 63 2.43 -3.60 27.32
C SER B 63 2.81 -4.56 26.11
C SER B 63 2.59 -4.09 25.86
N LEU B 64 3.83 -4.20 25.38
CA LEU B 64 4.13 -5.05 24.20
C LEU B 64 4.53 -6.48 24.68
N HIS B 65 4.12 -7.50 23.93
CA HIS B 65 4.48 -8.90 24.21
C HIS B 65 5.91 -9.00 24.69
N MET B 66 6.10 -9.72 25.77
CA MET B 66 7.38 -9.74 26.47
C MET B 66 8.31 -10.76 25.85
N THR B 67 8.77 -10.41 24.65
CA THR B 67 9.63 -11.28 23.87
C THR B 67 11.06 -10.75 23.89
N ILE B 68 11.97 -11.52 23.30
CA ILE B 68 13.39 -11.10 23.14
C ILE B 68 13.45 -9.76 22.37
N GLN B 69 12.53 -9.60 21.43
CA GLN B 69 12.47 -8.38 20.61
C GLN B 69 12.11 -7.18 21.47
N THR B 70 11.08 -7.36 22.28
CA THR B 70 10.64 -6.33 23.22
C THR B 70 11.72 -6.00 24.23
N ALA B 71 12.50 -7.00 24.59
CA ALA B 71 13.62 -6.79 25.49
C ALA B 71 14.58 -5.76 24.89
N VAL B 72 14.87 -5.89 23.60
CA VAL B 72 15.85 -5.02 22.97
C VAL B 72 15.24 -3.65 22.94
N LEU B 73 13.91 -3.58 22.80
CA LEU B 73 13.24 -2.27 22.85
C LEU B 73 13.39 -1.65 24.25
N ILE B 74 13.04 -2.43 25.25
CA ILE B 74 13.04 -1.96 26.64
C ILE B 74 14.40 -1.39 26.95
N GLU B 75 15.44 -2.06 26.45
CA GLU B 75 16.81 -1.72 26.79
C GLU B 75 17.34 -0.58 25.97
N THR B 76 16.59 -0.26 24.92
CA THR B 76 16.83 0.96 24.16
C THR B 76 16.26 2.16 24.94
N LEU B 77 15.06 1.98 25.50
CA LEU B 77 14.45 3.02 26.33
C LEU B 77 15.31 3.32 27.57
N THR B 78 15.82 2.26 28.19
CA THR B 78 16.60 2.47 29.39
C THR B 78 17.96 3.05 29.03
N ALA B 79 18.50 2.66 27.89
CA ALA B 79 19.76 3.23 27.42
C ALA B 79 19.60 4.72 27.16
N LEU B 80 18.39 5.16 26.87
CA LEU B 80 18.14 6.60 26.61
C LEU B 80 17.72 7.34 27.89
N GLY B 81 17.69 6.60 28.99
CA GLY B 81 17.53 7.19 30.33
C GLY B 81 16.21 6.89 31.02
N ALA B 82 15.32 6.21 30.32
CA ALA B 82 13.97 5.92 30.88
C ALA B 82 14.00 4.94 32.04
N GLU B 83 13.06 5.15 32.95
CA GLU B 83 12.70 4.15 33.91
C GLU B 83 11.50 3.41 33.36
N VAL B 84 11.46 2.08 33.54
CA VAL B 84 10.49 1.26 32.83
C VAL B 84 9.84 0.18 33.67
N ARG B 85 8.55 0.05 33.47
CA ARG B 85 7.77 -1.06 34.03
C ARG B 85 7.03 -1.70 32.85
N TRP B 86 6.94 -3.02 32.85
CA TRP B 86 6.39 -3.72 31.73
C TRP B 86 5.49 -4.88 32.09
N CYS B 87 4.52 -5.11 31.20
CA CYS B 87 3.75 -6.37 31.16
C CYS B 87 3.57 -6.82 29.73
N SER B 88 3.13 -8.05 29.55
CA SER B 88 2.82 -8.54 28.22
C SER B 88 1.36 -8.21 27.93
N CYS B 89 1.01 -8.13 26.65
CA CYS B 89 -0.37 -7.81 26.24
C CYS B 89 -1.13 -9.06 25.80
N ASN B 90 -0.55 -10.20 26.15
CA ASN B 90 -1.17 -11.48 25.82
C ASN B 90 -0.72 -12.61 26.76
N ILE B 91 -1.69 -13.43 27.16
CA ILE B 91 -1.46 -14.46 28.20
C ILE B 91 -0.42 -15.52 27.77
N PHE B 92 -0.20 -15.64 26.46
CA PHE B 92 0.67 -16.70 25.92
C PHE B 92 1.91 -16.23 25.21
N SER B 93 2.07 -14.93 25.09
CA SER B 93 3.10 -14.40 24.21
C SER B 93 4.47 -14.21 24.86
N THR B 94 4.50 -14.15 26.19
CA THR B 94 5.79 -13.94 26.85
C THR B 94 6.79 -15.05 26.55
N GLN B 95 8.04 -14.63 26.31
CA GLN B 95 9.16 -15.55 26.36
C GLN B 95 9.83 -15.39 27.72
N ASP B 96 9.74 -16.44 28.51
CA ASP B 96 10.12 -16.41 29.92
C ASP B 96 11.59 -16.05 30.10
N HIS B 97 12.44 -16.39 29.15
CA HIS B 97 13.87 -16.08 29.30
C HIS B 97 14.15 -14.61 29.04
N ALA B 98 13.33 -14.01 28.16
CA ALA B 98 13.41 -12.58 27.88
C ALA B 98 12.92 -11.79 29.11
N ALA B 99 11.81 -12.26 29.68
CA ALA B 99 11.23 -11.63 30.87
C ALA B 99 12.22 -11.63 32.03
N ALA B 100 12.90 -12.76 32.20
CA ALA B 100 13.83 -12.93 33.31
C ALA B 100 15.06 -12.03 33.19
N ALA B 101 15.53 -11.88 31.97
CA ALA B 101 16.75 -11.08 31.73
C ALA B 101 16.47 -9.60 31.95
N ILE B 102 15.28 -9.19 31.55
CA ILE B 102 14.88 -7.79 31.73
C ILE B 102 14.65 -7.50 33.23
N ALA B 103 14.02 -8.44 33.92
CA ALA B 103 13.70 -8.27 35.34
C ALA B 103 14.99 -8.18 36.15
N ARG B 104 15.96 -8.98 35.73
CA ARG B 104 17.24 -9.03 36.40
C ARG B 104 18.03 -7.77 36.13
N ASP B 105 18.00 -7.33 34.88
CA ASP B 105 19.04 -6.38 34.43
C ASP B 105 18.58 -4.93 34.20
N SER B 106 17.29 -4.75 33.88
CA SER B 106 16.88 -3.52 33.25
C SER B 106 15.57 -2.88 33.66
N ALA B 107 14.58 -3.68 34.02
CA ALA B 107 13.24 -3.11 34.29
C ALA B 107 12.33 -4.03 35.09
N ALA B 108 11.35 -3.44 35.74
CA ALA B 108 10.30 -4.21 36.39
C ALA B 108 9.43 -4.82 35.31
N VAL B 109 9.24 -6.13 35.42
CA VAL B 109 8.45 -6.91 34.45
CA VAL B 109 8.42 -6.86 34.46
C VAL B 109 7.55 -7.85 35.18
N PHE B 110 6.30 -7.85 34.75
CA PHE B 110 5.27 -8.76 35.28
C PHE B 110 4.69 -9.56 34.12
N ALA B 111 5.26 -10.72 33.89
CA ALA B 111 4.92 -11.48 32.69
C ALA B 111 5.45 -12.89 32.68
N TRP B 112 4.58 -13.79 32.28
CA TRP B 112 5.00 -15.17 32.03
C TRP B 112 4.10 -15.84 31.01
N LYS B 113 4.64 -16.84 30.35
CA LYS B 113 3.84 -17.58 29.37
C LYS B 113 2.84 -18.47 30.10
N GLY B 114 1.58 -18.34 29.71
CA GLY B 114 0.56 -19.18 30.24
C GLY B 114 -0.09 -18.58 31.47
N GLU B 115 -0.24 -17.27 31.43
CA GLU B 115 -1.09 -16.55 32.40
C GLU B 115 -2.58 -16.94 32.32
N THR B 116 -3.24 -16.86 33.48
CA THR B 116 -4.71 -16.84 33.55
C THR B 116 -5.12 -15.41 33.28
N LEU B 117 -6.39 -15.18 32.97
CA LEU B 117 -6.90 -13.84 32.70
C LEU B 117 -6.81 -12.95 33.92
N GLN B 118 -7.00 -13.58 35.08
CA GLN B 118 -6.87 -12.88 36.35
C GLN B 118 -5.41 -12.43 36.50
N GLU B 119 -4.47 -13.33 36.23
CA GLU B 119 -3.04 -12.99 36.41
C GLU B 119 -2.64 -11.89 35.42
N TYR B 120 -3.26 -11.93 34.24
CA TYR B 120 -2.96 -10.98 33.14
C TYR B 120 -3.31 -9.54 33.52
N TRP B 121 -4.48 -9.39 34.12
CA TRP B 121 -4.95 -8.06 34.49
C TRP B 121 -4.22 -7.55 35.75
N TRP B 122 -3.88 -8.49 36.62
CA TRP B 122 -2.98 -8.15 37.73
C TRP B 122 -1.67 -7.58 37.18
N CYS B 123 -1.08 -8.28 36.22
CA CYS B 123 0.21 -7.87 35.64
C CYS B 123 0.11 -6.48 35.06
N THR B 124 -1.04 -6.21 34.45
CA THR B 124 -1.27 -4.93 33.80
C THR B 124 -1.31 -3.83 34.89
N GLU B 125 -1.98 -4.17 35.99
CA GLU B 125 -2.10 -3.23 37.10
C GLU B 125 -0.70 -2.96 37.68
N ARG B 126 0.10 -4.00 37.86
CA ARG B 126 1.41 -3.79 38.44
CA ARG B 126 1.46 -3.87 38.40
C ARG B 126 2.30 -2.97 37.52
N ALA B 127 2.16 -3.14 36.21
CA ALA B 127 3.05 -2.45 35.27
C ALA B 127 2.79 -0.96 35.36
N LEU B 128 1.56 -0.69 35.78
CA LEU B 128 1.07 0.70 35.85
C LEU B 128 1.24 1.30 37.24
N ASP B 129 1.60 0.47 38.21
CA ASP B 129 1.68 0.89 39.64
CA ASP B 129 1.66 0.97 39.59
C ASP B 129 3.08 1.31 40.03
N TRP B 130 3.32 2.60 39.92
CA TRP B 130 4.64 3.16 40.06
C TRP B 130 4.89 3.49 41.50
N GLY B 131 3.82 3.48 42.28
CA GLY B 131 3.97 3.79 43.70
C GLY B 131 3.91 5.28 44.01
N PRO B 132 4.55 5.67 45.12
CA PRO B 132 4.21 7.01 45.58
C PRO B 132 4.81 8.16 44.76
N GLY B 133 5.88 7.88 44.02
CA GLY B 133 6.52 8.92 43.18
C GLY B 133 5.68 9.16 41.94
N GLY B 134 4.65 8.33 41.78
CA GLY B 134 3.72 8.47 40.65
C GLY B 134 4.25 8.01 39.29
N GLY B 135 3.38 8.11 38.27
CA GLY B 135 3.73 7.65 36.90
C GLY B 135 2.66 6.71 36.35
N PRO B 136 2.74 6.35 35.06
CA PRO B 136 3.82 6.71 34.17
C PRO B 136 3.63 8.07 33.52
N ASP B 137 4.69 8.50 32.89
CA ASP B 137 4.67 9.68 32.04
C ASP B 137 4.28 9.28 30.63
N LEU B 138 4.66 8.07 30.26
CA LEU B 138 4.53 7.61 28.87
C LEU B 138 4.07 6.16 28.85
N ILE B 139 3.21 5.86 27.87
CA ILE B 139 2.73 4.49 27.63
C ILE B 139 3.06 3.96 26.22
N VAL B 140 3.60 2.74 26.21
CA VAL B 140 3.72 1.95 24.99
C VAL B 140 2.71 0.82 25.11
N ASP B 141 1.74 0.82 24.19
CA ASP B 141 0.64 -0.10 24.25
C ASP B 141 0.54 -0.87 22.94
N ASP B 142 0.11 -2.11 23.09
CA ASP B 142 -0.16 -3.01 21.96
C ASP B 142 -1.49 -3.70 22.23
N GLY B 143 -2.55 -3.17 21.62
CA GLY B 143 -3.89 -3.79 21.63
C GLY B 143 -4.87 -2.98 22.47
N GLY B 144 -4.29 -2.02 23.18
CA GLY B 144 -5.06 -1.03 23.92
C GLY B 144 -5.62 -1.43 25.29
N ASP B 145 -5.14 -2.54 25.85
CA ASP B 145 -5.70 -3.03 27.15
C ASP B 145 -5.34 -2.09 28.30
N THR B 146 -4.10 -1.67 28.29
CA THR B 146 -3.54 -0.74 29.31
C THR B 146 -4.27 0.59 29.30
N THR B 147 -4.39 1.08 28.08
CA THR B 147 -5.12 2.31 27.80
C THR B 147 -6.56 2.18 28.26
N LEU B 148 -7.16 1.03 27.99
CA LEU B 148 -8.56 0.78 28.42
C LEU B 148 -8.70 0.80 29.95
N LEU B 149 -7.74 0.19 30.62
CA LEU B 149 -7.77 0.10 32.08
C LEU B 149 -7.77 1.51 32.68
N ILE B 150 -6.99 2.40 32.07
CA ILE B 150 -6.83 3.75 32.61
C ILE B 150 -8.14 4.52 32.43
N HIS B 151 -8.75 4.34 31.27
CA HIS B 151 -9.96 5.05 30.91
C HIS B 151 -11.14 4.55 31.75
N GLU B 152 -11.23 3.24 31.96
CA GLU B 152 -12.27 2.63 32.85
C GLU B 152 -12.00 2.98 34.31
N GLY B 153 -10.73 3.19 34.59
CA GLY B 153 -10.28 3.59 35.93
C GLY B 153 -10.76 4.99 36.29
N VAL B 154 -10.52 5.90 35.36
CA VAL B 154 -10.93 7.28 35.59
C VAL B 154 -12.46 7.33 35.75
N LYS B 155 -13.17 6.59 34.94
CA LYS B 155 -14.64 6.54 35.06
C LYS B 155 -15.06 6.04 36.43
N ALA B 156 -14.45 4.93 36.84
CA ALA B 156 -14.81 4.32 38.12
C ALA B 156 -14.46 5.30 39.24
N GLU B 157 -13.35 6.02 39.08
CA GLU B 157 -12.93 7.00 40.11
C GLU B 157 -13.91 8.19 40.23
N GLU B 158 -14.51 8.60 39.10
CA GLU B 158 -15.49 9.70 39.13
C GLU B 158 -16.76 9.28 39.83
N ILE B 159 -17.24 8.08 39.54
CA ILE B 159 -18.44 7.54 40.22
C ILE B 159 -18.15 7.49 41.71
N TYR B 160 -16.94 7.03 42.03
CA TYR B 160 -16.49 6.86 43.43
C TYR B 160 -16.44 8.19 44.15
N GLU B 161 -15.91 9.19 43.47
CA GLU B 161 -15.70 10.49 44.10
C GLU B 161 -17.01 11.15 44.38
N LYS B 162 -17.97 10.85 43.55
CA LYS B 162 -19.18 11.63 43.55
C LYS B 162 -20.28 10.93 44.34
N SER B 163 -20.16 9.61 44.51
CA SER B 163 -21.20 8.80 45.21
C SER B 163 -20.64 7.78 46.17
N GLY B 164 -19.32 7.66 46.13
CA GLY B 164 -18.59 6.77 47.03
C GLY B 164 -18.72 5.31 46.65
N GLN B 165 -19.47 5.04 45.58
CA GLN B 165 -19.66 3.65 45.15
C GLN B 165 -18.61 3.11 44.24
N PHE B 166 -18.46 1.79 44.41
CA PHE B 166 -17.43 0.95 43.80
C PHE B 166 -18.00 0.23 42.57
N PRO B 167 -17.14 -0.24 41.66
CA PRO B 167 -17.65 -1.09 40.61
C PRO B 167 -18.19 -2.40 41.13
N ASP B 168 -19.06 -3.00 40.34
CA ASP B 168 -19.67 -4.29 40.70
C ASP B 168 -19.62 -5.21 39.48
N PRO B 169 -18.82 -6.29 39.55
CA PRO B 169 -18.74 -7.20 38.39
C PRO B 169 -20.13 -7.71 37.97
N ASP B 170 -21.01 -7.97 38.94
CA ASP B 170 -22.36 -8.50 38.62
C ASP B 170 -23.07 -7.63 37.58
N SER B 171 -22.49 -6.47 37.35
CA SER B 171 -23.05 -5.45 36.46
C SER B 171 -22.79 -5.76 34.98
N THR B 172 -21.99 -6.81 34.76
CA THR B 172 -21.56 -7.23 33.40
C THR B 172 -21.53 -8.74 33.29
N ASP B 173 -21.84 -9.24 32.10
CA ASP B 173 -21.85 -10.69 31.89
C ASP B 173 -20.65 -11.15 31.09
N ASN B 174 -19.82 -10.19 30.74
CA ASN B 174 -18.54 -10.43 30.05
C ASN B 174 -17.50 -10.84 31.08
N ALA B 175 -16.97 -12.03 30.90
CA ALA B 175 -16.23 -12.69 31.97
C ALA B 175 -14.91 -11.96 32.23
N GLU B 176 -14.36 -11.39 31.17
CA GLU B 176 -13.08 -10.75 31.29
C GLU B 176 -13.29 -9.38 31.89
N PHE B 177 -14.41 -8.77 31.53
CA PHE B 177 -14.70 -7.43 32.05
C PHE B 177 -15.02 -7.47 33.56
N LYS B 178 -15.62 -8.57 33.98
CA LYS B 178 -15.85 -8.84 35.38
C LYS B 178 -14.53 -8.77 36.16
N ILE B 179 -13.49 -9.26 35.50
CA ILE B 179 -12.15 -9.31 36.08
C ILE B 179 -11.63 -7.88 36.19
N VAL B 180 -11.81 -7.15 35.11
CA VAL B 180 -11.35 -5.78 35.07
C VAL B 180 -12.05 -4.95 36.15
N LEU B 181 -13.36 -5.12 36.32
CA LEU B 181 -14.11 -4.30 37.26
C LEU B 181 -13.67 -4.62 38.71
N SER B 182 -13.32 -5.88 38.94
CA SER B 182 -12.93 -6.36 40.26
CA SER B 182 -12.95 -6.30 40.28
C SER B 182 -11.55 -5.78 40.63
N ILE B 183 -10.67 -5.73 39.66
CA ILE B 183 -9.32 -5.16 39.80
C ILE B 183 -9.40 -3.67 40.18
N ILE B 184 -10.30 -2.97 39.51
CA ILE B 184 -10.48 -1.52 39.71
C ILE B 184 -11.05 -1.28 41.12
N LYS B 185 -12.04 -2.09 41.46
CA LYS B 185 -12.68 -2.05 42.76
C LYS B 185 -11.69 -2.21 43.91
N GLU B 186 -10.78 -3.19 43.80
CA GLU B 186 -9.80 -3.43 44.87
C GLU B 186 -8.77 -2.31 44.83
N GLY B 187 -8.50 -1.80 43.63
CA GLY B 187 -7.57 -0.69 43.47
C GLY B 187 -8.07 0.58 44.13
N LEU B 188 -9.38 0.73 44.22
CA LEU B 188 -9.94 1.96 44.81
C LEU B 188 -9.61 2.00 46.33
N LYS B 189 -9.35 0.82 46.87
CA LYS B 189 -9.15 0.64 48.33
C LYS B 189 -7.74 1.08 48.68
N THR B 190 -6.86 1.04 47.68
CA THR B 190 -5.45 1.36 47.92
C THR B 190 -5.08 2.76 47.42
N ASP B 191 -5.55 3.14 46.25
CA ASP B 191 -5.39 4.57 45.76
C ASP B 191 -6.56 5.01 44.86
N PRO B 192 -7.56 5.66 45.45
CA PRO B 192 -8.76 5.95 44.71
C PRO B 192 -8.60 7.15 43.77
N LYS B 193 -7.38 7.67 43.70
CA LYS B 193 -7.06 8.71 42.72
C LYS B 193 -5.93 8.35 41.76
N ARG B 194 -5.67 7.05 41.68
CA ARG B 194 -4.55 6.52 40.90
CA ARG B 194 -4.53 6.58 40.91
C ARG B 194 -4.67 6.95 39.44
N TYR B 195 -5.87 6.73 38.90
CA TYR B 195 -6.04 6.94 37.46
C TYR B 195 -6.17 8.42 37.14
N HIS B 196 -6.72 9.19 38.05
CA HIS B 196 -6.86 10.64 37.83
C HIS B 196 -5.50 11.31 37.84
N LYS B 197 -4.63 10.87 38.73
CA LYS B 197 -3.29 11.44 38.78
C LYS B 197 -2.61 11.05 37.49
N MET B 198 -2.94 9.86 37.03
CA MET B 198 -2.28 9.32 35.86
C MET B 198 -2.65 10.18 34.64
N LYS B 199 -3.93 10.49 34.55
CA LYS B 199 -4.45 11.22 33.40
C LYS B 199 -4.04 12.69 33.41
N ASP B 200 -3.59 13.18 34.56
CA ASP B 200 -3.11 14.56 34.60
C ASP B 200 -1.64 14.59 34.23
N ARG B 201 -1.01 13.44 34.30
CA ARG B 201 0.43 13.37 34.14
C ARG B 201 0.84 12.70 32.79
N VAL B 202 0.10 11.72 32.33
CA VAL B 202 0.52 11.02 31.11
C VAL B 202 0.61 11.99 29.93
N VAL B 203 1.75 11.90 29.25
CA VAL B 203 2.10 12.81 28.14
C VAL B 203 1.60 12.20 26.82
N GLY B 204 1.53 10.88 26.79
CA GLY B 204 1.04 10.19 25.62
C GLY B 204 1.21 8.69 25.61
N VAL B 205 0.48 8.09 24.68
CA VAL B 205 0.54 6.69 24.43
C VAL B 205 0.91 6.48 22.97
N SER B 206 1.81 5.55 22.73
CA SER B 206 2.09 5.13 21.36
C SER B 206 1.59 3.70 21.20
N GLU B 207 0.74 3.53 20.19
CA GLU B 207 -0.01 2.29 19.98
C GLU B 207 0.39 1.58 18.71
N GLU B 208 0.52 0.28 18.87
CA GLU B 208 1.35 -0.53 17.99
C GLU B 208 0.50 -1.21 16.94
N THR B 209 -0.73 -1.53 17.28
CA THR B 209 -1.47 -2.39 16.39
C THR B 209 -2.82 -1.89 15.87
N THR B 210 -3.25 -2.54 14.81
CA THR B 210 -4.36 -2.03 14.03
C THR B 210 -5.59 -1.96 14.95
N THR B 211 -5.82 -3.02 15.70
CA THR B 211 -7.02 -3.07 16.55
C THR B 211 -6.96 -1.99 17.63
N GLY B 212 -5.76 -1.78 18.18
CA GLY B 212 -5.58 -0.75 19.20
C GLY B 212 -5.88 0.64 18.64
N VAL B 213 -5.37 0.87 17.44
CA VAL B 213 -5.52 2.17 16.78
C VAL B 213 -7.00 2.47 16.53
N LYS B 214 -7.72 1.46 16.07
CA LYS B 214 -9.17 1.60 15.86
C LYS B 214 -9.89 2.03 17.15
N ARG B 215 -9.43 1.48 18.28
CA ARG B 215 -10.00 1.81 19.60
C ARG B 215 -9.76 3.26 19.91
N LEU B 216 -8.58 3.73 19.52
CA LEU B 216 -8.18 5.10 19.85
C LEU B 216 -9.02 6.10 19.10
N TYR B 217 -9.25 5.84 17.81
CA TYR B 217 -10.02 6.80 16.98
C TYR B 217 -11.44 6.84 17.46
N GLN B 218 -11.91 5.72 18.01
CA GLN B 218 -13.28 5.70 18.54
C GLN B 218 -13.34 6.63 19.73
N MET B 219 -12.27 6.59 20.52
CA MET B 219 -12.21 7.32 21.79
C MET B 219 -12.06 8.80 21.47
N GLN B 220 -11.36 9.08 20.38
CA GLN B 220 -11.26 10.44 19.91
C GLN B 220 -12.65 10.88 19.43
N ALA B 221 -13.32 10.02 18.68
CA ALA B 221 -14.58 10.38 18.01
C ALA B 221 -15.67 10.77 19.01
N ASN B 222 -15.70 10.04 20.11
CA ASN B 222 -16.74 10.19 21.14
C ASN B 222 -16.24 11.05 22.31
N GLY B 223 -15.09 11.66 22.09
CA GLY B 223 -14.56 12.65 23.05
C GLY B 223 -14.09 12.12 24.40
N THR B 224 -13.68 10.85 24.46
CA THR B 224 -13.29 10.25 25.74
C THR B 224 -11.76 10.07 25.91
N LEU B 225 -11.04 10.14 24.80
CA LEU B 225 -9.57 10.04 24.84
C LEU B 225 -8.94 11.07 25.77
N LEU B 226 -8.19 10.57 26.75
CA LEU B 226 -7.65 11.42 27.86
C LEU B 226 -6.29 12.01 27.58
N PHE B 227 -5.63 11.54 26.55
CA PHE B 227 -4.31 12.10 26.23
C PHE B 227 -3.95 11.80 24.80
N PRO B 228 -2.87 12.46 24.32
CA PRO B 228 -2.28 12.31 22.97
C PRO B 228 -1.93 10.88 22.68
N ALA B 229 -2.11 10.47 21.42
CA ALA B 229 -1.65 9.16 20.94
C ALA B 229 -1.01 9.23 19.57
N ILE B 230 0.13 8.55 19.47
CA ILE B 230 0.78 8.27 18.18
C ILE B 230 0.37 6.88 17.74
N ASN B 231 -0.18 6.85 16.52
CA ASN B 231 -0.53 5.65 15.78
C ASN B 231 0.70 5.13 15.08
N VAL B 232 1.39 4.22 15.74
CA VAL B 232 2.60 3.61 15.20
C VAL B 232 2.27 2.58 14.12
N ASN B 233 1.07 2.03 14.18
CA ASN B 233 0.73 0.95 13.26
C ASN B 233 0.77 1.43 11.84
N ASP B 234 0.30 2.65 11.64
CA ASP B 234 0.15 3.23 10.29
CA ASP B 234 0.17 3.21 10.29
C ASP B 234 1.42 3.94 9.78
N SER B 235 2.54 3.77 10.47
CA SER B 235 3.81 4.15 9.81
C SER B 235 3.95 3.10 8.70
N VAL B 236 4.48 3.51 7.55
CA VAL B 236 4.64 2.56 6.43
C VAL B 236 5.58 1.44 6.84
N THR B 237 6.60 1.80 7.61
CA THR B 237 7.68 0.90 7.96
C THR B 237 7.24 0.03 9.11
N LYS B 238 5.97 0.17 9.45
CA LYS B 238 5.33 -0.78 10.35
C LYS B 238 4.30 -1.62 9.60
N SER B 239 3.14 -1.03 9.33
CA SER B 239 2.05 -1.72 8.60
C SER B 239 2.47 -2.57 7.40
N LYS B 240 3.37 -2.05 6.57
CA LYS B 240 3.74 -2.72 5.31
CA LYS B 240 3.71 -2.75 5.33
C LYS B 240 4.93 -3.65 5.51
N PHE B 241 5.40 -3.77 6.74
CA PHE B 241 6.52 -4.65 7.01
C PHE B 241 6.19 -5.69 8.06
N ASP B 242 5.97 -5.21 9.27
CA ASP B 242 5.58 -6.04 10.42
C ASP B 242 4.33 -6.85 10.10
N ASN B 243 3.30 -6.18 9.68
CA ASN B 243 1.97 -6.82 9.56
C ASN B 243 2.00 -7.84 8.41
N LEU B 244 2.77 -7.48 7.39
CA LEU B 244 2.89 -8.26 6.16
CA LEU B 244 2.89 -8.26 6.16
C LEU B 244 3.99 -9.30 6.25
N TYR B 245 5.23 -8.86 6.18
CA TYR B 245 6.39 -9.79 6.20
C TYR B 245 6.57 -10.52 7.53
N GLY B 246 6.07 -9.92 8.59
CA GLY B 246 6.24 -10.54 9.89
C GLY B 246 5.40 -11.81 10.00
N CYS B 247 4.14 -11.69 9.59
CA CYS B 247 3.26 -12.85 9.56
C CYS B 247 3.74 -13.91 8.55
N ARG B 248 4.28 -13.46 7.44
CA ARG B 248 4.76 -14.38 6.42
C ARG B 248 5.81 -15.30 7.03
N HIS B 249 6.51 -14.79 8.03
CA HIS B 249 7.51 -15.56 8.76
C HIS B 249 6.89 -16.36 9.92
N SER B 250 6.09 -15.70 10.74
CA SER B 250 5.69 -16.25 12.01
C SER B 250 4.40 -17.10 11.93
N LEU B 251 3.57 -16.93 10.91
CA LEU B 251 2.40 -17.84 10.72
CA LEU B 251 2.40 -17.83 10.72
C LEU B 251 2.88 -19.28 10.48
N PRO B 252 3.75 -19.49 9.48
CA PRO B 252 4.17 -20.88 9.30
C PRO B 252 4.97 -21.40 10.47
N ASP B 253 5.66 -20.53 11.18
CA ASP B 253 6.45 -20.97 12.33
C ASP B 253 5.49 -21.52 13.41
N GLY B 254 4.41 -20.81 13.63
CA GLY B 254 3.43 -21.18 14.65
C GLY B 254 2.80 -22.52 14.31
N LEU B 255 2.54 -22.74 13.04
CA LEU B 255 1.82 -23.96 12.61
C LEU B 255 2.74 -25.15 12.76
N MET B 256 3.97 -24.95 12.36
CA MET B 256 4.94 -26.00 12.38
C MET B 256 5.27 -26.41 13.82
N ARG B 257 5.48 -25.44 14.69
CA ARG B 257 5.85 -25.78 16.04
C ARG B 257 4.68 -26.46 16.72
N ALA B 258 3.48 -25.98 16.44
CA ALA B 258 2.29 -26.40 17.21
C ALA B 258 1.79 -27.76 16.79
N THR B 259 1.98 -28.08 15.50
CA THR B 259 1.43 -29.30 14.88
C THR B 259 2.35 -30.12 14.00
N ASP B 260 3.49 -29.54 13.60
CA ASP B 260 4.37 -30.23 12.67
C ASP B 260 3.67 -30.74 11.41
N VAL B 261 2.54 -30.12 11.11
CA VAL B 261 1.77 -30.47 9.92
C VAL B 261 2.45 -30.03 8.64
N MET B 262 2.46 -30.89 7.64
CA MET B 262 2.86 -30.48 6.28
C MET B 262 1.87 -29.47 5.70
N ILE B 263 2.39 -28.33 5.25
CA ILE B 263 1.54 -27.27 4.68
C ILE B 263 1.32 -27.49 3.19
N ALA B 264 2.39 -27.93 2.55
CA ALA B 264 2.36 -28.33 1.16
C ALA B 264 1.30 -29.40 0.93
N GLY B 265 0.52 -29.18 -0.12
CA GLY B 265 -0.47 -30.15 -0.51
C GLY B 265 -1.83 -29.92 0.09
N LYS B 266 -1.86 -29.06 1.10
CA LYS B 266 -3.10 -28.82 1.84
C LYS B 266 -3.94 -27.71 1.24
N VAL B 267 -5.17 -27.61 1.71
CA VAL B 267 -6.02 -26.41 1.47
C VAL B 267 -6.09 -25.59 2.76
N ALA B 268 -5.75 -24.31 2.62
CA ALA B 268 -5.71 -23.36 3.74
C ALA B 268 -6.61 -22.19 3.41
N VAL B 269 -7.45 -21.83 4.38
CA VAL B 269 -8.34 -20.69 4.31
C VAL B 269 -7.80 -19.56 5.15
N VAL B 270 -7.68 -18.40 4.52
CA VAL B 270 -7.29 -17.20 5.20
C VAL B 270 -8.46 -16.22 5.18
N ALA B 271 -9.02 -15.97 6.36
CA ALA B 271 -10.14 -15.02 6.52
C ALA B 271 -9.56 -13.66 6.70
N GLY B 272 -9.81 -12.80 5.73
CA GLY B 272 -9.18 -11.48 5.70
C GLY B 272 -7.97 -11.41 4.80
N TYR B 273 -7.88 -10.30 4.08
CA TYR B 273 -6.79 -10.08 3.15
C TYR B 273 -6.34 -8.64 3.21
N GLY B 274 -6.27 -8.15 4.44
CA GLY B 274 -5.52 -6.96 4.78
C GLY B 274 -4.03 -7.26 4.81
N ASP B 275 -3.28 -6.48 5.56
CA ASP B 275 -1.84 -6.68 5.61
C ASP B 275 -1.49 -8.02 6.23
N VAL B 276 -2.16 -8.39 7.32
CA VAL B 276 -1.87 -9.67 8.01
C VAL B 276 -2.27 -10.84 7.11
N GLY B 277 -3.49 -10.77 6.56
CA GLY B 277 -3.97 -11.82 5.68
C GLY B 277 -3.10 -11.96 4.40
N LYS B 278 -2.62 -10.83 3.87
CA LYS B 278 -1.74 -10.89 2.69
C LYS B 278 -0.46 -11.68 3.01
N GLY B 279 0.08 -11.43 4.20
CA GLY B 279 1.32 -12.04 4.65
C GLY B 279 1.13 -13.52 4.95
N CYS B 280 -0.02 -13.85 5.53
CA CYS B 280 -0.37 -15.25 5.86
C CYS B 280 -0.63 -16.05 4.58
N ALA B 281 -1.41 -15.47 3.65
CA ALA B 281 -1.69 -16.11 2.35
C ALA B 281 -0.42 -16.38 1.62
N ALA B 282 0.48 -15.43 1.70
CA ALA B 282 1.79 -15.58 1.00
C ALA B 282 2.61 -16.74 1.55
N ALA B 283 2.66 -16.83 2.86
CA ALA B 283 3.43 -17.91 3.51
C ALA B 283 2.86 -19.23 3.07
N LEU B 284 1.56 -19.35 3.21
CA LEU B 284 0.88 -20.61 2.90
C LEU B 284 1.08 -20.99 1.42
N LYS B 285 0.90 -20.02 0.54
CA LYS B 285 1.04 -20.26 -0.88
C LYS B 285 2.46 -20.64 -1.17
N GLN B 286 3.40 -19.98 -0.51
CA GLN B 286 4.81 -20.19 -0.78
CA GLN B 286 4.80 -20.21 -0.84
C GLN B 286 5.23 -21.57 -0.31
N ALA B 287 4.51 -22.09 0.67
CA ALA B 287 4.84 -23.38 1.26
C ALA B 287 4.18 -24.52 0.51
N GLY B 288 3.36 -24.18 -0.47
CA GLY B 288 2.74 -25.17 -1.35
C GLY B 288 1.32 -25.54 -0.98
N ALA B 289 0.72 -24.76 -0.07
CA ALA B 289 -0.73 -24.89 0.19
C ALA B 289 -1.50 -24.21 -0.90
N ARG B 290 -2.71 -24.70 -1.15
CA ARG B 290 -3.69 -24.01 -2.00
C ARG B 290 -4.56 -23.13 -1.11
N VAL B 291 -4.43 -21.82 -1.32
CA VAL B 291 -4.99 -20.83 -0.42
C VAL B 291 -6.28 -20.24 -0.97
N ILE B 292 -7.29 -20.31 -0.11
CA ILE B 292 -8.56 -19.66 -0.37
C ILE B 292 -8.76 -18.54 0.64
N VAL B 293 -9.13 -17.37 0.12
CA VAL B 293 -9.35 -16.16 0.91
C VAL B 293 -10.83 -15.85 1.11
N THR B 294 -11.16 -15.43 2.32
CA THR B 294 -12.43 -14.77 2.53
C THR B 294 -12.22 -13.28 2.75
N GLU B 295 -13.19 -12.51 2.27
CA GLU B 295 -13.19 -11.05 2.44
C GLU B 295 -14.53 -10.40 2.34
N ILE B 296 -14.60 -9.23 2.96
CA ILE B 296 -15.80 -8.37 2.92
C ILE B 296 -15.56 -7.16 2.06
N ASP B 297 -14.29 -6.93 1.76
CA ASP B 297 -13.87 -5.71 1.03
C ASP B 297 -13.55 -6.09 -0.42
N PRO B 298 -14.26 -5.53 -1.37
CA PRO B 298 -14.07 -5.93 -2.75
C PRO B 298 -12.70 -5.56 -3.34
N ILE B 299 -12.05 -4.51 -2.83
CA ILE B 299 -10.73 -4.16 -3.32
C ILE B 299 -9.73 -5.19 -2.88
N CYS B 300 -9.84 -5.57 -1.61
CA CYS B 300 -8.92 -6.56 -1.06
C CYS B 300 -9.15 -7.92 -1.74
N ALA B 301 -10.41 -8.21 -1.96
CA ALA B 301 -10.81 -9.44 -2.62
C ALA B 301 -10.22 -9.51 -4.02
N LEU B 302 -10.27 -8.38 -4.71
CA LEU B 302 -9.80 -8.33 -6.09
C LEU B 302 -8.27 -8.49 -6.09
N GLN B 303 -7.62 -7.93 -5.08
CA GLN B 303 -6.15 -8.09 -4.93
C GLN B 303 -5.78 -9.58 -4.78
N ALA B 304 -6.55 -10.29 -3.97
CA ALA B 304 -6.32 -11.71 -3.74
C ALA B 304 -6.44 -12.49 -5.05
N THR B 305 -7.43 -12.18 -5.84
CA THR B 305 -7.63 -12.89 -7.12
C THR B 305 -6.49 -12.65 -8.12
N MET B 306 -5.90 -11.47 -8.05
CA MET B 306 -4.79 -11.10 -8.93
C MET B 306 -3.53 -11.81 -8.56
N GLU B 307 -3.51 -12.37 -7.36
CA GLU B 307 -2.37 -13.11 -6.85
C GLU B 307 -2.68 -14.60 -6.97
N GLY B 308 -3.72 -14.88 -7.72
CA GLY B 308 -4.04 -16.26 -8.10
C GLY B 308 -4.70 -17.08 -7.01
N LEU B 309 -5.29 -16.35 -6.07
CA LEU B 309 -6.02 -17.00 -4.98
C LEU B 309 -7.52 -16.98 -5.17
N GLN B 310 -8.14 -18.08 -4.77
CA GLN B 310 -9.58 -18.21 -4.87
C GLN B 310 -10.23 -17.41 -3.74
N VAL B 311 -11.30 -16.71 -4.05
CA VAL B 311 -12.02 -15.97 -3.03
C VAL B 311 -13.44 -16.51 -2.92
N LEU B 312 -13.76 -17.05 -1.74
CA LEU B 312 -15.07 -17.62 -1.47
C LEU B 312 -15.50 -17.28 -0.06
N THR B 313 -16.74 -17.61 0.27
CA THR B 313 -17.19 -17.49 1.65
C THR B 313 -16.78 -18.75 2.38
N LEU B 314 -16.60 -18.60 3.69
CA LEU B 314 -16.19 -19.71 4.53
C LEU B 314 -17.11 -20.92 4.35
N GLU B 315 -18.39 -20.65 4.22
CA GLU B 315 -19.37 -21.74 4.12
C GLU B 315 -19.07 -22.68 2.93
N ASP B 316 -18.43 -22.10 1.93
CA ASP B 316 -18.18 -22.77 0.64
CA ASP B 316 -18.23 -22.85 0.67
C ASP B 316 -17.07 -23.80 0.82
N VAL B 317 -16.24 -23.60 1.83
CA VAL B 317 -14.99 -24.40 1.94
C VAL B 317 -14.77 -25.09 3.28
N VAL B 318 -15.70 -24.87 4.20
CA VAL B 318 -15.48 -25.28 5.56
C VAL B 318 -15.24 -26.80 5.70
N SER B 319 -15.89 -27.59 4.87
CA SER B 319 -15.79 -29.04 5.03
CA SER B 319 -15.82 -29.05 5.02
C SER B 319 -14.56 -29.63 4.38
N GLU B 320 -13.90 -28.82 3.56
CA GLU B 320 -12.79 -29.28 2.71
C GLU B 320 -11.42 -28.83 3.14
N ALA B 321 -11.36 -27.68 3.80
CA ALA B 321 -10.09 -27.07 4.18
C ALA B 321 -9.38 -27.81 5.32
N ASP B 322 -8.07 -27.75 5.29
CA ASP B 322 -7.22 -28.40 6.29
C ASP B 322 -6.75 -27.44 7.38
N ILE B 323 -6.64 -26.17 7.02
CA ILE B 323 -6.04 -25.13 7.91
C ILE B 323 -6.86 -23.87 7.72
N PHE B 324 -7.23 -23.24 8.83
CA PHE B 324 -8.03 -22.02 8.85
C PHE B 324 -7.31 -21.00 9.69
N VAL B 325 -7.06 -19.82 9.11
CA VAL B 325 -6.40 -18.72 9.82
C VAL B 325 -7.25 -17.46 9.78
N THR B 326 -7.54 -16.90 10.92
CA THR B 326 -8.25 -15.63 10.99
C THR B 326 -7.32 -14.44 11.19
N THR B 327 -7.57 -13.42 10.36
CA THR B 327 -6.71 -12.25 10.26
C THR B 327 -7.47 -10.91 10.22
N THR B 328 -8.69 -10.90 10.75
CA THR B 328 -9.64 -9.86 10.42
C THR B 328 -9.66 -8.68 11.38
N GLY B 329 -9.34 -8.89 12.66
CA GLY B 329 -9.63 -7.88 13.70
C GLY B 329 -11.13 -7.76 13.93
N ASN B 330 -11.90 -8.69 13.35
CA ASN B 330 -13.35 -8.66 13.54
C ASN B 330 -13.75 -9.78 14.46
N LYS B 331 -15.02 -9.89 14.76
CA LYS B 331 -15.45 -11.01 15.60
C LYS B 331 -16.29 -11.97 14.81
N ASP B 332 -16.44 -13.17 15.38
CA ASP B 332 -17.39 -14.19 14.92
C ASP B 332 -17.12 -14.66 13.48
N ILE B 333 -15.86 -14.93 13.21
CA ILE B 333 -15.44 -15.36 11.89
C ILE B 333 -15.67 -16.87 11.73
N ILE B 334 -15.23 -17.64 12.72
CA ILE B 334 -15.38 -19.09 12.68
C ILE B 334 -16.18 -19.52 13.88
N MET B 335 -17.41 -19.91 13.59
CA MET B 335 -18.40 -20.18 14.62
C MET B 335 -18.49 -21.68 14.88
N LEU B 336 -19.15 -22.01 15.97
CA LEU B 336 -19.35 -23.41 16.30
C LEU B 336 -19.98 -24.13 15.11
N ASP B 337 -20.92 -23.46 14.48
CA ASP B 337 -21.66 -24.08 13.36
C ASP B 337 -20.71 -24.52 12.26
N HIS B 338 -19.65 -23.74 12.10
CA HIS B 338 -18.64 -24.01 11.06
C HIS B 338 -17.75 -25.15 11.52
N MET B 339 -17.37 -25.06 12.78
CA MET B 339 -16.46 -26.01 13.34
C MET B 339 -17.04 -27.40 13.26
N LYS B 340 -18.36 -27.51 13.36
CA LYS B 340 -19.01 -28.81 13.34
C LYS B 340 -18.92 -29.44 11.96
N LYS B 341 -18.65 -28.65 10.97
CA LYS B 341 -18.60 -29.17 9.60
C LYS B 341 -17.17 -29.51 9.14
N MET B 342 -16.18 -29.23 10.00
CA MET B 342 -14.78 -29.39 9.61
C MET B 342 -14.36 -30.85 9.66
N LYS B 343 -13.40 -31.19 8.80
CA LYS B 343 -12.87 -32.55 8.75
C LYS B 343 -12.05 -32.84 9.99
N ASN B 344 -11.86 -34.12 10.25
CA ASN B 344 -10.99 -34.56 11.36
C ASN B 344 -9.61 -33.92 11.28
N ASN B 345 -9.22 -33.31 12.38
CA ASN B 345 -7.94 -32.68 12.61
C ASN B 345 -7.66 -31.46 11.78
N ALA B 346 -8.73 -30.84 11.28
CA ALA B 346 -8.61 -29.49 10.76
C ALA B 346 -7.95 -28.61 11.81
N ILE B 347 -7.02 -27.77 11.36
CA ILE B 347 -6.28 -26.84 12.24
C ILE B 347 -6.92 -25.47 12.14
N VAL B 348 -7.23 -24.93 13.30
CA VAL B 348 -7.96 -23.69 13.42
C VAL B 348 -7.22 -22.71 14.31
N CYS B 349 -6.94 -21.53 13.77
CA CYS B 349 -6.19 -20.55 14.50
C CYS B 349 -6.48 -19.12 14.09
N ASN B 350 -6.05 -18.27 15.01
CA ASN B 350 -6.27 -16.84 14.95
C ASN B 350 -4.95 -16.11 15.11
N ILE B 351 -4.69 -15.19 14.20
CA ILE B 351 -3.46 -14.37 14.22
C ILE B 351 -3.82 -12.87 14.22
N GLY B 352 -5.12 -12.61 14.34
CA GLY B 352 -5.63 -11.27 14.42
C GLY B 352 -5.73 -10.68 15.83
N HIS B 353 -6.81 -10.92 16.53
CA HIS B 353 -6.96 -10.24 17.81
C HIS B 353 -7.79 -11.04 18.79
N PHE B 354 -7.44 -10.78 20.03
CA PHE B 354 -8.31 -11.22 21.07
C PHE B 354 -8.65 -12.71 20.87
N ASP B 355 -9.84 -13.12 21.23
CA ASP B 355 -10.09 -14.56 21.36
C ASP B 355 -11.42 -14.87 20.75
N ASN B 356 -11.91 -13.83 20.08
CA ASN B 356 -13.30 -13.83 19.58
C ASN B 356 -13.48 -13.90 18.04
N GLU B 357 -12.37 -14.05 17.30
CA GLU B 357 -12.42 -14.31 15.85
C GLU B 357 -12.91 -15.75 15.71
N ILE B 358 -12.43 -16.62 16.59
CA ILE B 358 -12.92 -18.00 16.69
C ILE B 358 -13.90 -18.06 17.87
N ASP B 359 -15.01 -18.76 17.64
CA ASP B 359 -16.07 -18.91 18.64
C ASP B 359 -15.68 -19.88 19.79
N MET B 360 -14.70 -19.51 20.59
CA MET B 360 -14.22 -20.40 21.66
C MET B 360 -15.30 -20.61 22.72
N LEU B 361 -16.17 -19.61 22.86
CA LEU B 361 -17.23 -19.71 23.87
C LEU B 361 -18.21 -20.82 23.44
N GLY B 362 -18.58 -20.83 22.17
CA GLY B 362 -19.57 -21.78 21.67
C GLY B 362 -18.96 -23.18 21.64
N LEU B 363 -17.68 -23.22 21.38
CA LEU B 363 -16.95 -24.48 21.36
C LEU B 363 -16.97 -25.07 22.77
N GLU B 364 -16.69 -24.24 23.76
CA GLU B 364 -16.64 -24.69 25.19
C GLU B 364 -17.87 -25.41 25.66
N THR B 365 -19.01 -24.93 25.18
CA THR B 365 -20.30 -25.28 25.70
C THR B 365 -21.05 -26.21 24.74
N HIS B 366 -20.35 -26.65 23.70
CA HIS B 366 -20.89 -27.67 22.78
C HIS B 366 -21.12 -28.96 23.56
N PRO B 367 -22.36 -29.45 23.60
CA PRO B 367 -22.60 -30.59 24.48
C PRO B 367 -21.81 -31.80 24.03
N GLY B 368 -21.25 -32.48 25.01
CA GLY B 368 -20.52 -33.70 24.76
C GLY B 368 -19.10 -33.50 24.25
N VAL B 369 -18.72 -32.26 23.94
CA VAL B 369 -17.37 -31.97 23.38
C VAL B 369 -16.32 -32.30 24.43
N LYS B 370 -15.15 -32.74 23.97
CA LYS B 370 -14.06 -33.09 24.87
C LYS B 370 -12.77 -32.47 24.39
N ARG B 371 -12.19 -31.66 25.27
CA ARG B 371 -10.92 -31.00 24.99
C ARG B 371 -9.76 -31.91 25.42
N ILE B 372 -8.89 -32.22 24.49
CA ILE B 372 -7.71 -33.03 24.75
C ILE B 372 -6.47 -32.20 24.43
N THR B 373 -5.72 -31.82 25.46
CA THR B 373 -4.50 -31.03 25.27
C THR B 373 -3.38 -31.95 24.80
N ILE B 374 -2.89 -31.70 23.60
CA ILE B 374 -1.80 -32.47 23.02
C ILE B 374 -0.49 -32.06 23.72
N LYS B 375 -0.30 -30.75 23.78
CA LYS B 375 0.80 -30.09 24.50
C LYS B 375 0.39 -28.64 24.73
N PRO B 376 1.17 -27.86 25.50
CA PRO B 376 0.71 -26.48 25.71
C PRO B 376 0.45 -25.72 24.39
N GLN B 377 -0.73 -25.12 24.36
CA GLN B 377 -1.31 -24.32 23.25
C GLN B 377 -1.61 -25.12 21.96
N THR B 378 -1.62 -26.44 22.04
CA THR B 378 -2.19 -27.29 20.98
C THR B 378 -3.23 -28.21 21.60
N ASP B 379 -4.49 -27.93 21.29
CA ASP B 379 -5.64 -28.64 21.84
C ASP B 379 -6.47 -29.26 20.73
N ARG B 380 -6.80 -30.54 20.92
CA ARG B 380 -7.73 -31.23 20.04
C ARG B 380 -9.09 -31.31 20.73
N TRP B 381 -10.09 -30.70 20.11
CA TRP B 381 -11.47 -30.72 20.61
C TRP B 381 -12.21 -31.76 19.81
N VAL B 382 -12.73 -32.75 20.53
CA VAL B 382 -13.39 -33.89 19.93
C VAL B 382 -14.90 -33.73 19.98
N PHE B 383 -15.48 -33.76 18.77
CA PHE B 383 -16.91 -33.64 18.58
C PHE B 383 -17.55 -35.02 18.70
N PRO B 384 -18.50 -35.17 19.63
CA PRO B 384 -19.09 -36.48 19.86
C PRO B 384 -19.91 -37.02 18.67
N GLU B 385 -20.46 -36.11 17.88
CA GLU B 385 -21.40 -36.49 16.79
C GLU B 385 -20.65 -37.35 15.79
N THR B 386 -19.37 -37.06 15.65
CA THR B 386 -18.59 -37.66 14.60
C THR B 386 -17.37 -38.41 15.08
N ASN B 387 -17.01 -38.23 16.36
CA ASN B 387 -15.77 -38.75 16.89
C ASN B 387 -14.62 -38.25 16.06
N THR B 388 -14.73 -37.00 15.63
CA THR B 388 -13.59 -36.35 15.02
C THR B 388 -13.27 -35.07 15.73
N GLY B 389 -12.10 -34.58 15.43
CA GLY B 389 -11.59 -33.43 16.14
C GLY B 389 -11.20 -32.26 15.29
N ILE B 390 -10.98 -31.15 15.97
CA ILE B 390 -10.30 -30.02 15.39
C ILE B 390 -9.23 -29.58 16.31
N ILE B 391 -8.22 -29.01 15.72
CA ILE B 391 -7.04 -28.61 16.45
C ILE B 391 -7.03 -27.10 16.57
N ILE B 392 -7.23 -26.64 17.80
CA ILE B 392 -7.26 -25.22 18.14
C ILE B 392 -5.90 -24.84 18.71
N LEU B 393 -5.30 -23.82 18.12
CA LEU B 393 -4.03 -23.27 18.57
C LEU B 393 -4.22 -22.10 19.50
N ALA B 394 -3.44 -22.14 20.58
CA ALA B 394 -3.32 -21.03 21.55
C ALA B 394 -4.68 -20.59 22.11
N GLU B 395 -5.58 -21.54 22.25
CA GLU B 395 -6.93 -21.26 22.68
C GLU B 395 -7.57 -20.12 21.91
N GLY B 396 -7.28 -20.00 20.62
CA GLY B 396 -7.95 -18.98 19.80
C GLY B 396 -7.31 -17.60 19.91
N ARG B 397 -6.25 -17.52 20.70
CA ARG B 397 -5.45 -16.30 20.79
C ARG B 397 -4.25 -16.28 19.85
N LEU B 398 -3.59 -15.14 19.76
CA LEU B 398 -2.59 -14.96 18.67
C LEU B 398 -1.71 -16.20 18.58
N MET B 399 -1.78 -16.90 17.45
CA MET B 399 -1.12 -18.20 17.33
C MET B 399 0.40 -18.06 17.09
N ASN B 400 0.83 -16.96 16.53
CA ASN B 400 2.25 -16.86 16.19
C ASN B 400 3.10 -16.63 17.43
N LEU B 401 2.60 -15.77 18.29
CA LEU B 401 3.23 -15.49 19.63
C LEU B 401 2.96 -16.59 20.62
N GLY B 402 1.79 -17.21 20.50
CA GLY B 402 1.41 -18.24 21.41
C GLY B 402 2.06 -19.58 21.17
N CYS B 403 2.27 -19.93 19.91
CA CYS B 403 2.76 -21.25 19.60
C CYS B 403 4.20 -21.26 19.11
N ALA B 404 4.70 -20.09 18.79
CA ALA B 404 6.08 -19.97 18.39
C ALA B 404 6.66 -18.74 19.09
N THR B 405 7.30 -17.83 18.37
CA THR B 405 8.00 -16.72 19.06
C THR B 405 7.62 -15.36 18.44
N GLY B 406 6.52 -15.33 17.71
CA GLY B 406 6.16 -14.15 16.95
C GLY B 406 7.14 -13.82 15.84
N HIS B 407 7.08 -12.57 15.44
CA HIS B 407 7.92 -12.04 14.39
C HIS B 407 9.39 -12.04 14.77
N PRO B 408 10.25 -12.10 13.77
CA PRO B 408 11.67 -12.08 14.03
C PRO B 408 12.19 -10.67 14.31
N SER B 409 13.34 -10.64 14.95
CA SER B 409 13.99 -9.42 15.38
C SER B 409 14.11 -8.33 14.29
N PHE B 410 14.53 -8.71 13.10
CA PHE B 410 14.79 -7.66 12.09
C PHE B 410 13.55 -6.83 11.76
N VAL B 411 12.41 -7.49 11.53
CA VAL B 411 11.21 -6.75 11.21
C VAL B 411 10.66 -6.03 12.44
N MET B 412 10.81 -6.60 13.63
CA MET B 412 10.37 -5.90 14.85
C MET B 412 11.28 -4.68 15.10
N SER B 413 12.48 -4.69 14.55
CA SER B 413 13.35 -3.52 14.72
C SER B 413 12.70 -2.34 13.98
N CYS B 414 12.04 -2.67 12.87
CA CYS B 414 11.38 -1.62 12.09
C CYS B 414 10.24 -1.06 12.94
N SER B 415 9.44 -1.95 13.49
CA SER B 415 8.28 -1.54 14.27
C SER B 415 8.70 -0.76 15.51
N PHE B 416 9.72 -1.27 16.19
CA PHE B 416 10.12 -0.78 17.49
C PHE B 416 10.96 0.49 17.36
N THR B 417 11.66 0.70 16.24
CA THR B 417 12.30 1.99 16.00
C THR B 417 11.22 3.08 15.87
N ASN B 418 10.10 2.74 15.24
CA ASN B 418 8.97 3.68 15.21
C ASN B 418 8.51 3.98 16.64
N GLN B 419 8.47 2.96 17.48
CA GLN B 419 7.98 3.15 18.87
C GLN B 419 8.89 4.11 19.61
N VAL B 420 10.19 3.93 19.41
CA VAL B 420 11.16 4.78 20.08
C VAL B 420 10.99 6.21 19.60
N ILE B 421 10.82 6.35 18.29
CA ILE B 421 10.70 7.69 17.68
C ILE B 421 9.44 8.33 18.22
N ALA B 422 8.41 7.52 18.37
CA ALA B 422 7.09 8.01 18.86
C ALA B 422 7.16 8.51 20.31
N GLN B 423 7.86 7.75 21.13
CA GLN B 423 8.04 8.06 22.56
C GLN B 423 8.90 9.32 22.74
N LEU B 424 9.95 9.40 21.93
CA LEU B 424 10.85 10.57 21.95
C LEU B 424 10.08 11.83 21.57
N GLU B 425 9.17 11.69 20.62
CA GLU B 425 8.37 12.84 20.16
C GLU B 425 7.40 13.33 21.25
N LEU B 426 6.68 12.38 21.84
CA LEU B 426 5.67 12.68 22.86
C LEU B 426 6.37 13.36 23.99
N TRP B 427 7.51 12.79 24.35
CA TRP B 427 8.27 13.26 25.50
C TRP B 427 8.91 14.60 25.21
N ASN B 428 9.50 14.75 24.03
CA ASN B 428 10.22 16.00 23.73
CA ASN B 428 10.21 15.99 23.72
C ASN B 428 9.25 17.17 23.65
N GLU B 429 7.98 16.87 23.45
CA GLU B 429 6.95 17.89 23.31
C GLU B 429 6.07 17.94 24.52
N LYS B 430 6.61 17.50 25.65
CA LYS B 430 5.75 17.37 26.82
C LYS B 430 5.10 18.73 27.15
N SER B 431 5.81 19.82 26.84
CA SER B 431 5.43 21.17 27.29
C SER B 431 5.09 22.09 26.13
N SER B 432 4.82 21.48 24.99
CA SER B 432 4.77 22.19 23.72
C SER B 432 3.38 22.68 23.29
N GLY B 433 2.35 21.90 23.64
CA GLY B 433 0.99 22.13 23.11
C GLY B 433 0.76 21.55 21.73
N LYS B 434 1.83 21.02 21.14
CA LYS B 434 1.77 20.47 19.77
C LYS B 434 0.81 19.28 19.65
N TYR B 435 0.70 18.46 20.69
CA TYR B 435 -0.20 17.29 20.60
C TYR B 435 -1.42 17.45 21.53
N GLU B 436 -2.59 17.26 20.94
CA GLU B 436 -3.84 17.32 21.68
C GLU B 436 -4.36 15.92 21.97
N LYS B 437 -5.56 15.84 22.51
CA LYS B 437 -6.11 14.54 22.88
C LYS B 437 -6.68 13.91 21.62
N LYS B 438 -5.78 13.67 20.70
CA LYS B 438 -6.11 13.04 19.45
C LYS B 438 -5.05 12.10 19.04
N VAL B 439 -5.32 11.41 17.92
CA VAL B 439 -4.41 10.43 17.37
C VAL B 439 -3.62 11.01 16.19
N TYR B 440 -2.30 10.84 16.25
CA TYR B 440 -1.38 11.39 15.27
C TYR B 440 -0.56 10.24 14.68
N VAL B 441 -0.08 10.44 13.45
CA VAL B 441 0.92 9.56 12.84
C VAL B 441 2.27 10.27 12.67
N LEU B 442 3.35 9.51 12.57
CA LEU B 442 4.70 10.10 12.45
C LEU B 442 4.88 10.63 11.04
N PRO B 443 5.66 11.71 10.89
CA PRO B 443 5.83 12.23 9.55
C PRO B 443 6.67 11.30 8.69
N LYS B 444 6.49 11.45 7.39
CA LYS B 444 7.13 10.60 6.40
C LYS B 444 8.65 10.63 6.51
N HIS B 445 9.26 11.75 6.86
CA HIS B 445 10.74 11.77 6.82
C HIS B 445 11.32 10.82 7.89
N LEU B 446 10.52 10.56 8.94
CA LEU B 446 10.99 9.70 10.05
C LEU B 446 10.74 8.24 9.67
N ASP B 447 9.66 8.04 8.94
CA ASP B 447 9.27 6.74 8.37
C ASP B 447 10.39 6.30 7.42
N GLU B 448 10.82 7.23 6.56
CA GLU B 448 11.92 6.93 5.65
C GLU B 448 13.17 6.65 6.40
N LYS B 449 13.36 7.34 7.52
CA LYS B 449 14.57 7.22 8.30
C LYS B 449 14.66 5.79 8.83
N VAL B 450 13.52 5.28 9.30
CA VAL B 450 13.51 3.93 9.89
C VAL B 450 14.01 2.91 8.84
N ALA B 451 13.51 3.04 7.61
CA ALA B 451 13.86 2.14 6.51
C ALA B 451 15.35 2.25 6.24
N ALA B 452 15.84 3.48 6.22
CA ALA B 452 17.27 3.73 5.87
C ALA B 452 18.21 3.09 6.84
N LEU B 453 17.81 3.10 8.10
CA LEU B 453 18.59 2.52 9.17
C LEU B 453 18.76 1.00 9.04
N HIS B 454 17.91 0.40 8.23
CA HIS B 454 17.90 -1.07 8.12
C HIS B 454 18.52 -1.60 6.82
N LEU B 455 18.77 -0.70 5.87
CA LEU B 455 19.30 -1.07 4.57
C LEU B 455 20.72 -1.59 4.62
N GLU B 456 21.55 -0.96 5.43
CA GLU B 456 22.97 -1.27 5.39
C GLU B 456 23.22 -2.73 5.82
N LYS B 457 22.49 -3.11 6.85
CA LYS B 457 22.58 -4.47 7.39
C LYS B 457 22.34 -5.53 6.32
N LEU B 458 21.43 -5.22 5.38
CA LEU B 458 21.14 -6.11 4.27
C LEU B 458 22.01 -5.87 3.04
N GLY B 459 22.91 -4.90 3.11
CA GLY B 459 23.81 -4.59 1.98
C GLY B 459 23.13 -3.93 0.78
N ALA B 460 21.94 -3.40 1.02
CA ALA B 460 21.20 -2.70 -0.03
C ALA B 460 21.87 -1.35 -0.25
N LYS B 461 22.22 -1.06 -1.50
CA LYS B 461 22.87 0.22 -1.84
C LYS B 461 21.91 1.13 -2.55
N LEU B 462 21.57 2.22 -1.88
CA LEU B 462 20.59 3.20 -2.36
C LEU B 462 21.25 4.16 -3.34
N THR B 463 20.51 4.56 -4.36
CA THR B 463 20.98 5.55 -5.36
C THR B 463 20.71 6.93 -4.79
N LYS B 464 21.58 7.88 -5.09
CA LYS B 464 21.37 9.26 -4.69
C LYS B 464 20.95 10.08 -5.92
N LEU B 465 19.82 10.76 -5.80
CA LEU B 465 19.39 11.74 -6.81
C LEU B 465 20.40 12.82 -7.00
N SER B 466 20.56 13.25 -8.24
CA SER B 466 21.25 14.51 -8.53
C SER B 466 20.28 15.62 -8.21
N LYS B 467 20.80 16.82 -8.04
CA LYS B 467 19.93 17.98 -7.82
C LYS B 467 18.94 18.09 -8.96
N ASP B 468 19.49 17.92 -10.15
CA ASP B 468 18.73 17.99 -11.40
C ASP B 468 17.54 17.05 -11.35
N GLN B 469 17.84 15.83 -10.89
CA GLN B 469 16.81 14.79 -10.84
C GLN B 469 15.79 15.11 -9.75
N ALA B 470 16.29 15.57 -8.62
CA ALA B 470 15.40 15.84 -7.48
C ALA B 470 14.48 16.99 -7.92
N ASP B 471 15.05 18.00 -8.55
CA ASP B 471 14.23 19.06 -9.14
C ASP B 471 13.17 18.50 -10.07
N TYR B 472 13.57 17.56 -10.91
CA TYR B 472 12.66 17.05 -11.94
C TYR B 472 11.42 16.35 -11.36
N ILE B 473 11.58 15.63 -10.24
CA ILE B 473 10.46 14.91 -9.63
C ILE B 473 9.96 15.69 -8.39
N SER B 474 10.58 16.82 -8.20
CA SER B 474 10.19 17.82 -7.19
C SER B 474 10.20 17.28 -5.77
N VAL B 475 11.32 16.69 -5.42
CA VAL B 475 11.50 16.18 -4.07
C VAL B 475 12.89 16.66 -3.70
N PRO B 476 13.13 16.86 -2.41
CA PRO B 476 14.49 17.20 -2.01
C PRO B 476 15.38 15.98 -2.14
N VAL B 477 16.66 16.22 -2.32
CA VAL B 477 17.61 15.11 -2.45
C VAL B 477 17.51 14.15 -1.25
N GLU B 478 17.26 14.72 -0.07
CA GLU B 478 17.26 13.93 1.18
C GLU B 478 15.87 13.47 1.56
N GLY B 479 14.93 13.66 0.63
CA GLY B 479 13.55 13.26 0.83
C GLY B 479 12.81 14.26 1.73
N PRO B 480 11.55 13.96 2.07
CA PRO B 480 10.80 12.78 1.70
C PRO B 480 10.58 12.64 0.18
N TYR B 481 10.33 11.42 -0.26
CA TYR B 481 10.41 11.09 -1.71
C TYR B 481 9.05 10.86 -2.34
N LYS B 482 8.04 10.78 -1.50
CA LYS B 482 6.73 10.43 -1.95
C LYS B 482 5.67 11.38 -1.45
N PRO B 483 4.59 11.50 -2.20
CA PRO B 483 3.49 12.32 -1.71
C PRO B 483 2.81 11.76 -0.46
N PHE B 484 2.19 12.68 0.26
CA PHE B 484 1.49 12.38 1.48
C PHE B 484 0.58 11.14 1.38
N HIS B 485 -0.09 11.00 0.25
CA HIS B 485 -1.10 9.94 0.17
CA HIS B 485 -1.13 9.98 0.03
C HIS B 485 -0.57 8.64 -0.49
N TYR B 486 0.74 8.58 -0.67
CA TYR B 486 1.36 7.43 -1.34
C TYR B 486 1.13 6.13 -0.57
N ARG B 487 0.80 5.07 -1.29
CA ARG B 487 0.40 3.82 -0.65
C ARG B 487 1.47 2.74 -0.56
N TYR B 488 2.54 2.94 -1.29
CA TYR B 488 3.65 1.97 -1.40
C TYR B 488 3.18 0.59 -1.85
#